data_6WB2
#
_entry.id   6WB2
#
_cell.length_a   1.00
_cell.length_b   1.00
_cell.length_c   1.00
_cell.angle_alpha   90.00
_cell.angle_beta   90.00
_cell.angle_gamma   90.00
#
_symmetry.space_group_name_H-M   'P 1'
#
loop_
_entity.id
_entity.type
_entity.pdbx_description
1 polymer 'HIV-1 viral RNA genome fragment'
2 polymer 'tRNA lysine 3'
3 polymer 'Reverse transcriptase/ribonuclease H'
4 polymer 'reverse transcriptase p51 subunit'
#
loop_
_entity_poly.entity_id
_entity_poly.type
_entity_poly.pdbx_seq_one_letter_code
_entity_poly.pdbx_strand_id
1 'polyribonucleotide'
;GACUCUGGUAACUAGAGAUCCCUCAGACCCUUUUAGUCAGUGUGGAAAAUCUCUAGCAGUGGCGCCCGAACAGGGACUUG
AAAGCGAAAGUAAAGCCAGAG
;
C
2 'polydeoxyribonucleotide/polyribonucleotide hybrid'
;GCCCGGAUAGCUCAGUCGGUAGAGCAUCAGACUUUUAAUCUGAGGGUCCAGGGUUCAAGUCCCUGUUCGGGC(DG)CCA
(DC)(DT)(DG)
;
D
3 'polypeptide(L)'
;MVPISPIETVPVKLKPGMDGPKVKQWPLTEEKIKALVEICTEMEKEGKISKIGPENPYNTPVFAIKKKDSTKWRKLVDFR
ELNKRTQDFWEVQLGIPHPAGLKKKKSVTVLDVGDAYFSVPLDEDFRKYTAFTIPSINNETPGIRYQYNVLPQGWKGSPA
IFQSSMTKILEPFKKQNPDIVIYQYMDDLYVGSDLEIGQHRTKIEELRQHLLRWGLTTPDKKHQKEPPFLWMGYELHPDK
WTVQPIVLPEKDSWTVNDICKLVGKLNWASQIYPGIKVRQLSKLLRGTKALTEVIPLTEEAELELAENREILKEPVHGVY
YDPSKDLIAEIQKQGQGQWTYQIYQEPFKNLKTGKYARMRGAHTNDVKQLTEAVQKITTESIVIWGKTPKFKLPIQKETW
ETWWTEYWQATWIPEWEFVNTPPLVKLWYQLEKEPIVGAETFYVDGAANRETKLGKAGYVTNKGRQKVVPLTNTTNQKTQ
LQAIYLALQDSGLEVNIVTDSQYALGIIQAQPDKSESELVNQIIEQLIKKEKVYLAWVPAHKGIGGNEQVDKLVSAGIRK
ILDLGTLVPR
;
A
4 'polypeptide(L)'
;MVPISPIETVPVKLKPGMDGPKVKQWPLTEEKIKALVEICTEMEKEGKISKIGPENPYNTPVFAIKKKDSTKWRKLVDFR
ELNKRTQDFWEVQLGIPHPAGLKKKKSVTVLDVGDAYFSVPLDEDFRKYTAFTIPSINNETPGIRYQYNVLPQGWKGSPA
IFQSSMTKILEPFKKQNPDIVIYQYMDDLYVGSDLEIGQHRTKIEELRQHLLRWGLTTPDKKHQKEPPFLWMGYELHPDK
WTVQPIVLPEKDSWTVNDIQKLVGKLNWASQIYPGIKVRQLSKLLRGTKALTEVIPLTEEAELELAENREILKEPVHGVY
YDPSKDLIAEIQKQGQGQWTYQIYQEPFKNLKTGKYARMRGAHTNDVKQLTEAVQKITTESIVIWGKTPKFKLPIQKETW
ETWWTEYWQATWIPEWEFVNTPPLVKLWYQLEKEPIVGAETF
;
B
#
# COMPACT_ATOMS: atom_id res chain seq x y z
N SER C 5 30.84 32.06 8.66
CA SER C 5 29.77 31.15 8.26
C SER C 5 28.54 31.91 7.80
N PRO C 6 28.55 32.40 6.55
CA PRO C 6 27.42 33.18 6.05
C PRO C 6 26.28 32.31 5.52
N ILE C 7 26.31 31.01 5.84
CA ILE C 7 25.26 30.11 5.37
C ILE C 7 23.93 30.47 6.03
N GLU C 8 22.85 30.34 5.27
CA GLU C 8 21.53 30.66 5.78
C GLU C 8 21.12 29.66 6.86
N THR C 9 20.58 30.17 7.96
CA THR C 9 20.13 29.33 9.07
C THR C 9 18.76 28.73 8.75
N VAL C 10 18.15 28.10 9.74
CA VAL C 10 16.84 27.46 9.59
C VAL C 10 15.91 28.03 10.66
N PRO C 11 14.71 28.45 10.30
CA PRO C 11 13.76 28.94 11.32
C PRO C 11 13.31 27.81 12.23
N VAL C 12 13.53 28.00 13.54
CA VAL C 12 13.19 26.99 14.55
C VAL C 12 12.14 27.57 15.47
N LYS C 13 11.15 26.76 15.82
CA LYS C 13 10.08 27.18 16.72
C LYS C 13 9.96 26.22 17.89
N LEU C 14 8.93 26.40 18.72
CA LEU C 14 8.70 25.57 19.89
C LEU C 14 7.27 25.07 19.88
N LYS C 15 7.02 24.05 20.69
CA LYS C 15 5.68 23.50 20.82
C LYS C 15 4.75 24.56 21.40
N PRO C 16 3.53 24.71 20.87
CA PRO C 16 2.61 25.73 21.39
C PRO C 16 2.28 25.47 22.86
N GLY C 17 2.30 26.55 23.64
CA GLY C 17 2.02 26.46 25.06
C GLY C 17 3.12 25.75 25.86
N MET C 18 4.38 25.97 25.49
CA MET C 18 5.51 25.37 26.17
C MET C 18 6.60 26.41 26.37
N ASP C 19 7.65 26.02 27.07
CA ASP C 19 8.80 26.89 27.32
C ASP C 19 9.97 26.02 27.71
N GLY C 20 11.09 26.67 28.04
CA GLY C 20 12.30 25.98 28.41
C GLY C 20 12.19 25.32 29.77
N PRO C 21 12.37 24.00 29.83
CA PRO C 21 12.29 23.29 31.11
C PRO C 21 13.55 23.52 31.94
N LYS C 22 13.36 23.93 33.19
CA LYS C 22 14.48 24.14 34.09
C LYS C 22 15.04 22.81 34.58
N VAL C 23 16.30 22.84 35.00
CA VAL C 23 17.01 21.65 35.48
C VAL C 23 17.82 22.04 36.71
N LYS C 24 17.90 21.11 37.67
CA LYS C 24 18.68 21.31 38.90
C LYS C 24 19.96 20.49 38.76
N GLN C 25 20.98 21.13 38.19
CA GLN C 25 22.29 20.52 37.98
C GLN C 25 22.79 19.81 39.22
N TRP C 26 22.96 18.50 39.10
CA TRP C 26 23.44 17.70 40.24
C TRP C 26 24.86 18.10 40.60
N PRO C 27 25.15 18.33 41.89
CA PRO C 27 26.52 18.65 42.28
C PRO C 27 27.48 17.49 42.06
N LEU C 28 28.39 17.62 41.11
CA LEU C 28 29.27 16.53 40.73
C LEU C 28 30.55 16.58 41.54
N THR C 29 31.51 15.73 41.19
CA THR C 29 32.77 15.64 41.92
C THR C 29 33.73 16.75 41.46
N GLU C 30 34.98 16.66 41.89
CA GLU C 30 36.00 17.65 41.56
C GLU C 30 37.00 17.16 40.52
N GLU C 31 37.14 15.84 40.36
CA GLU C 31 38.08 15.27 39.39
C GLU C 31 37.56 15.38 37.97
N LYS C 32 36.53 16.20 37.76
CA LYS C 32 35.95 16.39 36.42
C LYS C 32 35.65 17.85 36.13
N ILE C 33 36.10 18.78 36.97
CA ILE C 33 35.84 20.20 36.77
C ILE C 33 36.91 20.85 35.90
N LYS C 34 38.18 20.67 36.29
CA LYS C 34 39.29 21.33 35.60
C LYS C 34 39.26 21.05 34.10
N ALA C 35 39.05 19.80 33.71
CA ALA C 35 38.92 19.47 32.30
C ALA C 35 37.73 20.19 31.68
N LEU C 36 36.60 20.25 32.39
CA LEU C 36 35.45 20.97 31.89
C LEU C 36 35.76 22.45 31.71
N VAL C 37 36.46 23.05 32.67
CA VAL C 37 36.82 24.47 32.57
C VAL C 37 37.70 24.70 31.35
N GLU C 38 38.75 23.88 31.20
CA GLU C 38 39.66 24.08 30.08
C GLU C 38 38.97 23.87 28.75
N ILE C 39 38.05 22.90 28.67
CA ILE C 39 37.39 22.63 27.40
C ILE C 39 36.37 23.72 27.07
N CYS C 40 35.70 24.30 28.09
CA CYS C 40 34.75 25.35 27.76
C CYS C 40 35.47 26.65 27.39
N THR C 41 36.63 26.94 28.03
CA THR C 41 37.42 28.08 27.57
C THR C 41 37.96 27.85 26.16
N GLU C 42 38.36 26.61 25.84
CA GLU C 42 38.85 26.32 24.50
C GLU C 42 37.75 26.51 23.46
N MET C 43 36.53 26.07 23.77
CA MET C 43 35.42 26.29 22.85
C MET C 43 34.95 27.73 22.84
N GLU C 44 35.21 28.49 23.90
CA GLU C 44 34.82 29.89 23.95
C GLU C 44 35.76 30.76 23.10
N LYS C 45 37.07 30.51 23.19
CA LYS C 45 38.02 31.29 22.40
C LYS C 45 37.89 31.03 20.91
N GLU C 46 37.20 29.97 20.50
CA GLU C 46 36.99 29.71 19.08
C GLU C 46 35.86 30.57 18.51
N GLY C 47 34.89 30.96 19.33
CA GLY C 47 33.79 31.79 18.89
C GLY C 47 32.52 31.05 18.53
N LYS C 48 32.29 29.85 19.08
CA LYS C 48 31.08 29.10 18.80
C LYS C 48 30.23 28.83 20.03
N ILE C 49 30.67 29.25 21.22
CA ILE C 49 29.87 29.17 22.44
C ILE C 49 30.08 30.46 23.22
N SER C 50 29.00 31.18 23.48
CA SER C 50 29.04 32.42 24.25
C SER C 50 28.60 32.18 25.68
N LYS C 51 29.00 33.08 26.57
CA LYS C 51 28.66 33.00 27.99
C LYS C 51 27.94 34.29 28.39
N ILE C 52 26.62 34.31 28.18
CA ILE C 52 25.77 35.43 28.58
C ILE C 52 24.61 34.83 29.37
N GLY C 53 24.75 34.75 30.68
CA GLY C 53 23.71 34.17 31.52
C GLY C 53 23.33 35.02 32.73
N PRO C 54 23.22 36.34 32.55
CA PRO C 54 23.02 37.19 33.75
C PRO C 54 21.65 37.03 34.38
N GLU C 55 20.60 36.86 33.58
CA GLU C 55 19.25 36.74 34.12
C GLU C 55 18.43 35.64 33.46
N ASN C 56 19.03 34.80 32.62
CA ASN C 56 18.30 33.74 31.94
C ASN C 56 17.90 32.65 32.93
N PRO C 57 16.60 32.46 33.20
CA PRO C 57 16.17 31.46 34.19
C PRO C 57 15.95 30.09 33.58
N TYR C 58 17.03 29.50 33.06
CA TYR C 58 16.96 28.18 32.46
C TYR C 58 18.26 27.43 32.75
N ASN C 59 18.19 26.12 32.60
CA ASN C 59 19.33 25.26 32.91
C ASN C 59 19.19 23.93 32.19
N THR C 60 20.33 23.32 31.86
CA THR C 60 20.39 22.03 31.21
C THR C 60 21.39 21.14 31.94
N PRO C 61 21.15 19.83 31.99
CA PRO C 61 22.07 18.94 32.69
C PRO C 61 23.40 18.82 31.98
N VAL C 62 24.45 18.64 32.77
CA VAL C 62 25.82 18.52 32.26
C VAL C 62 26.41 17.21 32.78
N PHE C 63 27.13 16.51 31.91
CA PHE C 63 27.75 15.24 32.26
C PHE C 63 29.17 15.19 31.70
N ALA C 64 29.97 14.27 32.25
CA ALA C 64 31.33 14.08 31.80
C ALA C 64 31.69 12.61 31.97
N ILE C 65 32.44 12.07 31.00
CA ILE C 65 32.83 10.67 31.02
C ILE C 65 34.06 10.51 30.16
N LYS C 66 34.89 9.51 30.45
CA LYS C 66 36.07 9.17 29.67
C LYS C 66 35.78 7.89 28.91
N LYS C 67 35.64 8.00 27.59
CA LYS C 67 35.28 6.87 26.75
C LYS C 67 36.54 6.07 26.38
N LYS C 68 36.40 5.18 25.41
CA LYS C 68 37.53 4.39 24.93
C LYS C 68 38.65 5.29 24.43
N ASP C 69 39.85 4.70 24.34
CA ASP C 69 41.07 5.44 24.02
C ASP C 69 41.29 6.58 25.02
N SER C 70 41.50 6.20 26.27
CA SER C 70 41.55 7.13 27.38
C SER C 70 42.76 8.05 27.24
N THR C 71 42.52 9.30 26.88
CA THR C 71 43.53 10.34 26.84
C THR C 71 43.14 11.56 27.67
N LYS C 72 41.85 11.89 27.70
CA LYS C 72 41.36 13.03 28.48
C LYS C 72 39.86 12.88 28.63
N TRP C 73 39.31 13.61 29.60
CA TRP C 73 37.87 13.61 29.85
C TRP C 73 37.20 14.70 29.02
N ARG C 74 36.02 14.38 28.49
CA ARG C 74 35.27 15.32 27.67
C ARG C 74 33.89 15.57 28.27
N LYS C 75 33.32 16.70 27.93
CA LYS C 75 32.01 17.09 28.42
C LYS C 75 30.87 16.42 27.67
N LEU C 76 29.72 16.37 28.32
CA LEU C 76 28.51 15.77 27.76
C LEU C 76 27.32 16.61 28.16
N VAL C 77 26.42 16.86 27.21
CA VAL C 77 25.20 17.61 27.44
C VAL C 77 24.01 16.74 27.05
N ASP C 78 23.00 16.70 27.90
CA ASP C 78 21.81 15.89 27.70
C ASP C 78 20.58 16.77 27.58
N PHE C 79 19.60 16.31 26.80
CA PHE C 79 18.34 17.00 26.59
C PHE C 79 17.17 16.03 26.74
N ARG C 80 17.20 15.23 27.81
CA ARG C 80 16.10 14.29 28.05
C ARG C 80 14.79 15.02 28.32
N GLU C 81 14.85 16.22 28.91
CA GLU C 81 13.67 17.02 29.16
C GLU C 81 13.46 18.12 28.13
N LEU C 82 14.50 18.53 27.42
CA LEU C 82 14.37 19.58 26.43
C LEU C 82 13.79 19.05 25.11
N ASN C 83 14.27 17.90 24.65
CA ASN C 83 13.76 17.32 23.42
C ASN C 83 12.29 16.92 23.54
N LYS C 84 11.85 16.57 24.76
CA LYS C 84 10.45 16.20 24.95
C LYS C 84 9.53 17.39 24.68
N ARG C 85 9.87 18.55 25.24
CA ARG C 85 9.06 19.76 25.03
C ARG C 85 9.33 20.43 23.70
N THR C 86 10.41 20.05 23.01
CA THR C 86 10.72 20.63 21.71
C THR C 86 9.75 20.11 20.65
N GLN C 87 9.31 21.00 19.78
CA GLN C 87 8.40 20.61 18.70
C GLN C 87 9.05 19.57 17.79
N ASP C 88 8.20 18.78 17.14
CA ASP C 88 8.68 17.72 16.27
C ASP C 88 9.21 18.30 14.97
N PHE C 89 10.21 17.63 14.39
CA PHE C 89 10.80 18.04 13.13
C PHE C 89 10.82 16.87 12.16
N TRP C 90 10.77 17.19 10.87
CA TRP C 90 10.75 16.16 9.85
C TRP C 90 12.08 15.43 9.79
N GLU C 91 12.00 14.11 9.62
CA GLU C 91 13.18 13.25 9.51
C GLU C 91 13.26 12.74 8.07
N VAL C 92 14.19 13.31 7.29
CA VAL C 92 14.33 12.91 5.90
C VAL C 92 14.83 11.48 5.79
N GLN C 93 15.78 11.09 6.64
CA GLN C 93 16.32 9.74 6.61
C GLN C 93 15.24 8.75 7.03
N LEU C 94 14.87 7.85 6.11
CA LEU C 94 13.86 6.84 6.39
C LEU C 94 14.22 5.45 5.91
N GLY C 95 15.38 5.27 5.30
CA GLY C 95 15.78 3.96 4.82
C GLY C 95 17.27 3.87 4.62
N ILE C 96 17.70 2.76 4.04
CA ILE C 96 19.11 2.50 3.78
C ILE C 96 19.29 2.21 2.30
N PRO C 97 20.37 2.68 1.67
CA PRO C 97 20.59 2.35 0.24
C PRO C 97 21.05 0.90 0.05
N HIS C 98 21.32 0.54 -1.20
CA HIS C 98 21.77 -0.81 -1.53
C HIS C 98 22.97 -0.75 -2.44
N PRO C 99 23.98 -1.61 -2.20
CA PRO C 99 25.17 -1.58 -3.07
C PRO C 99 24.89 -1.94 -4.51
N ALA C 100 23.92 -2.83 -4.76
CA ALA C 100 23.58 -3.21 -6.13
C ALA C 100 22.87 -2.08 -6.87
N GLY C 101 22.26 -1.13 -6.16
CA GLY C 101 21.55 -0.05 -6.79
C GLY C 101 22.41 1.16 -7.08
N LEU C 102 23.66 0.92 -7.48
CA LEU C 102 24.61 1.97 -7.80
C LEU C 102 24.95 1.92 -9.29
N LYS C 103 25.82 2.82 -9.71
CA LYS C 103 26.23 2.95 -11.10
C LYS C 103 27.69 2.56 -11.25
N LYS C 104 28.19 2.64 -12.49
CA LYS C 104 29.56 2.28 -12.82
C LYS C 104 30.39 3.57 -12.90
N LYS C 105 31.14 3.85 -11.83
CA LYS C 105 31.98 5.03 -11.75
C LYS C 105 33.44 4.58 -11.80
N LYS C 106 34.13 4.93 -12.89
CA LYS C 106 35.53 4.53 -13.04
C LYS C 106 36.41 5.23 -12.01
N SER C 107 36.33 6.56 -11.95
CA SER C 107 37.09 7.34 -10.97
C SER C 107 36.21 7.59 -9.76
N VAL C 108 36.25 6.65 -8.81
CA VAL C 108 35.43 6.71 -7.61
C VAL C 108 36.32 7.06 -6.43
N THR C 109 35.75 7.83 -5.49
CA THR C 109 36.47 8.22 -4.29
C THR C 109 35.45 8.42 -3.16
N VAL C 110 35.97 8.52 -1.94
CA VAL C 110 35.14 8.75 -0.77
C VAL C 110 35.71 9.93 -0.01
N LEU C 111 34.83 10.60 0.76
CA LEU C 111 35.23 11.76 1.53
C LEU C 111 34.26 11.95 2.69
N ASP C 112 34.79 12.31 3.85
CA ASP C 112 33.99 12.60 5.03
C ASP C 112 34.52 13.86 5.69
N VAL C 113 33.62 14.59 6.34
CA VAL C 113 33.95 15.85 7.01
C VAL C 113 33.67 15.66 8.50
N GLY C 114 34.74 15.52 9.28
CA GLY C 114 34.59 15.32 10.70
C GLY C 114 34.43 16.61 11.47
N ASP C 115 33.72 16.53 12.60
CA ASP C 115 33.47 17.67 13.47
C ASP C 115 32.76 18.80 12.74
N ALA C 116 31.92 18.47 11.77
CA ALA C 116 31.21 19.47 10.99
C ALA C 116 29.99 20.04 11.71
N TYR C 117 29.56 19.43 12.82
CA TYR C 117 28.44 19.95 13.57
C TYR C 117 28.73 21.32 14.16
N PHE C 118 30.00 21.65 14.39
CA PHE C 118 30.37 22.97 14.88
C PHE C 118 30.44 24.01 13.77
N SER C 119 30.53 23.58 12.51
CA SER C 119 30.65 24.48 11.37
C SER C 119 29.30 24.95 10.84
N VAL C 120 28.23 24.80 11.63
CA VAL C 120 26.90 25.25 11.22
C VAL C 120 26.31 26.09 12.34
N PRO C 121 25.81 27.29 12.05
CA PRO C 121 25.26 28.15 13.10
C PRO C 121 23.86 27.69 13.49
N LEU C 122 23.28 28.40 14.47
CA LEU C 122 21.95 28.11 14.95
C LEU C 122 21.21 29.43 15.14
N ASP C 123 19.88 29.36 15.06
CA ASP C 123 19.06 30.56 15.13
C ASP C 123 19.26 31.28 16.46
N GLU C 124 19.41 32.61 16.38
CA GLU C 124 19.71 33.39 17.58
C GLU C 124 18.54 33.39 18.55
N ASP C 125 17.31 33.43 18.03
CA ASP C 125 16.14 33.40 18.91
C ASP C 125 16.04 32.06 19.64
N PHE C 126 16.43 30.98 18.99
CA PHE C 126 16.39 29.66 19.61
C PHE C 126 17.59 29.38 20.51
N ARG C 127 18.62 30.23 20.48
CA ARG C 127 19.78 30.05 21.34
C ARG C 127 19.46 30.29 22.81
N LYS C 128 18.24 30.74 23.13
CA LYS C 128 17.85 30.94 24.52
C LYS C 128 17.72 29.64 25.28
N TYR C 129 17.61 28.50 24.59
CA TYR C 129 17.44 27.20 25.22
C TYR C 129 18.72 26.40 25.24
N THR C 130 19.87 27.07 25.41
CA THR C 130 21.15 26.39 25.47
C THR C 130 21.90 26.77 26.75
N ALA C 131 21.19 26.76 27.88
CA ALA C 131 21.78 27.15 29.16
C ALA C 131 22.71 26.05 29.64
N PHE C 132 24.01 26.20 29.34
CA PHE C 132 25.04 25.24 29.72
C PHE C 132 25.88 25.88 30.83
N THR C 133 25.67 25.42 32.06
CA THR C 133 26.33 25.99 33.22
C THR C 133 27.22 24.94 33.90
N ILE C 134 28.03 25.40 34.83
CA ILE C 134 28.94 24.54 35.58
C ILE C 134 29.43 25.29 36.81
N PRO C 135 29.43 24.66 38.00
CA PRO C 135 29.94 25.30 39.22
C PRO C 135 31.44 25.62 39.13
N GLY C 143 29.53 30.15 40.29
CA GLY C 143 29.15 29.43 39.10
C GLY C 143 29.32 30.24 37.82
N ILE C 144 29.11 29.60 36.68
CA ILE C 144 29.23 30.26 35.39
C ILE C 144 28.40 29.48 34.38
N ARG C 145 27.72 30.21 33.50
CA ARG C 145 26.84 29.60 32.50
C ARG C 145 27.29 30.02 31.11
N TYR C 146 27.14 29.11 30.15
CA TYR C 146 27.49 29.35 28.76
C TYR C 146 26.29 29.01 27.89
N GLN C 147 26.31 29.52 26.66
CA GLN C 147 25.21 29.34 25.72
C GLN C 147 25.78 28.92 24.36
N TYR C 148 25.20 27.87 23.79
CA TYR C 148 25.64 27.39 22.50
C TYR C 148 25.25 28.36 21.39
N ASN C 149 26.15 28.53 20.43
CA ASN C 149 25.89 29.34 19.25
C ASN C 149 25.82 28.51 17.97
N VAL C 150 26.10 27.22 18.04
CA VAL C 150 26.07 26.32 16.89
C VAL C 150 25.19 25.12 17.24
N LEU C 151 25.10 24.19 16.30
CA LEU C 151 24.29 22.99 16.52
C LEU C 151 24.91 22.13 17.60
N PRO C 152 24.21 21.87 18.71
CA PRO C 152 24.79 21.07 19.79
C PRO C 152 24.59 19.57 19.56
N GLN C 153 25.51 18.80 20.13
CA GLN C 153 25.44 17.35 20.02
C GLN C 153 24.27 16.80 20.82
N GLY C 154 23.73 15.67 20.37
CA GLY C 154 22.60 15.06 21.04
C GLY C 154 21.27 15.74 20.80
N TRP C 155 21.23 16.76 19.95
CA TRP C 155 19.98 17.45 19.66
C TRP C 155 19.02 16.54 18.91
N LYS C 156 17.73 16.72 19.19
CA LYS C 156 16.71 15.87 18.55
C LYS C 156 16.65 16.10 17.05
N GLY C 157 16.85 17.35 16.62
CA GLY C 157 16.81 17.65 15.21
C GLY C 157 18.18 17.95 14.63
N SER C 158 19.23 17.43 15.28
CA SER C 158 20.59 17.66 14.79
C SER C 158 20.84 17.01 13.43
N PRO C 159 20.57 15.72 13.21
CA PRO C 159 20.89 15.16 11.89
C PRO C 159 20.04 15.74 10.77
N ALA C 160 18.78 16.04 11.05
CA ALA C 160 17.91 16.61 10.01
C ALA C 160 18.42 17.98 9.56
N ILE C 161 18.69 18.87 10.52
CA ILE C 161 19.21 20.19 10.19
C ILE C 161 20.57 20.07 9.51
N PHE C 162 21.40 19.14 9.98
CA PHE C 162 22.73 18.95 9.39
C PHE C 162 22.62 18.56 7.92
N GLN C 163 21.80 17.55 7.61
CA GLN C 163 21.68 17.10 6.24
C GLN C 163 20.98 18.15 5.37
N SER C 164 20.04 18.90 5.93
CA SER C 164 19.41 19.97 5.16
C SER C 164 20.41 21.05 4.78
N SER C 165 21.24 21.47 5.74
CA SER C 165 22.31 22.42 5.44
C SER C 165 23.28 21.85 4.43
N MET C 166 23.60 20.55 4.54
CA MET C 166 24.52 19.93 3.60
C MET C 166 23.98 19.98 2.18
N THR C 167 22.71 19.60 2.01
CA THR C 167 22.11 19.64 0.68
C THR C 167 22.01 21.07 0.16
N LYS C 168 21.64 22.01 1.04
CA LYS C 168 21.51 23.41 0.62
C LYS C 168 22.86 24.02 0.29
N ILE C 169 23.95 23.45 0.78
CA ILE C 169 25.27 24.00 0.49
C ILE C 169 25.94 23.28 -0.68
N LEU C 170 25.55 22.03 -0.97
CA LEU C 170 26.11 21.33 -2.12
C LEU C 170 25.27 21.51 -3.37
N GLU C 171 24.04 22.03 -3.25
CA GLU C 171 23.22 22.27 -4.44
C GLU C 171 23.88 23.21 -5.45
N PRO C 172 24.55 24.30 -5.05
CA PRO C 172 25.27 25.09 -6.07
C PRO C 172 26.36 24.31 -6.78
N PHE C 173 27.04 23.40 -6.07
CA PHE C 173 28.02 22.55 -6.73
C PHE C 173 27.36 21.59 -7.71
N LYS C 174 26.15 21.12 -7.40
CA LYS C 174 25.40 20.31 -8.36
C LYS C 174 24.99 21.11 -9.57
N LYS C 175 24.64 22.39 -9.37
CA LYS C 175 24.32 23.26 -10.50
C LYS C 175 25.53 23.50 -11.38
N GLN C 176 26.70 23.74 -10.77
CA GLN C 176 27.90 24.02 -11.54
C GLN C 176 28.38 22.79 -12.31
N ASN C 177 28.08 21.59 -11.80
CA ASN C 177 28.52 20.35 -12.43
C ASN C 177 27.45 19.29 -12.23
N PRO C 178 26.41 19.29 -13.07
CA PRO C 178 25.35 18.27 -12.93
C PRO C 178 25.78 16.89 -13.43
N ASP C 179 26.96 16.76 -14.03
CA ASP C 179 27.43 15.49 -14.55
C ASP C 179 28.29 14.73 -13.56
N ILE C 180 28.22 15.07 -12.28
CA ILE C 180 29.02 14.43 -11.24
C ILE C 180 28.05 13.68 -10.33
N VAL C 181 28.16 12.35 -10.31
CA VAL C 181 27.32 11.52 -9.46
C VAL C 181 27.76 11.68 -8.01
N ILE C 182 26.84 12.07 -7.15
CA ILE C 182 27.12 12.31 -5.73
C ILE C 182 26.12 11.52 -4.91
N TYR C 183 26.64 10.71 -3.98
CA TYR C 183 25.83 9.93 -3.04
C TYR C 183 26.13 10.45 -1.64
N GLN C 184 25.35 11.45 -1.20
CA GLN C 184 25.56 12.03 0.11
C GLN C 184 25.03 11.11 1.20
N TYR C 185 25.40 11.43 2.44
CA TYR C 185 25.02 10.63 3.60
C TYR C 185 25.09 11.53 4.83
N MET C 186 25.08 10.92 6.02
CA MET C 186 25.21 11.68 7.25
C MET C 186 26.46 12.54 7.25
N ASP C 187 27.62 11.91 7.06
CA ASP C 187 28.88 12.63 6.95
C ASP C 187 29.74 12.22 5.77
N ASP C 188 29.50 11.06 5.16
CA ASP C 188 30.29 10.61 4.03
C ASP C 188 29.76 11.24 2.74
N LEU C 189 30.68 11.53 1.82
CA LEU C 189 30.35 12.11 0.52
C LEU C 189 30.88 11.17 -0.56
N TYR C 190 30.05 10.21 -0.95
CA TYR C 190 30.42 9.25 -1.99
C TYR C 190 30.27 9.92 -3.35
N VAL C 191 31.38 10.42 -3.88
CA VAL C 191 31.40 11.14 -5.15
C VAL C 191 32.21 10.33 -6.15
N GLY C 192 31.75 10.33 -7.41
CA GLY C 192 32.44 9.59 -8.45
C GLY C 192 31.96 10.01 -9.81
N SER C 193 32.80 9.73 -10.81
CA SER C 193 32.49 10.05 -12.19
C SER C 193 33.32 9.13 -13.09
N ASP C 194 33.34 9.44 -14.39
CA ASP C 194 34.07 8.66 -15.38
C ASP C 194 35.16 9.50 -16.04
N LEU C 195 35.88 10.29 -15.23
CA LEU C 195 36.93 11.16 -15.73
C LEU C 195 38.30 10.56 -15.45
N GLU C 196 39.33 11.19 -16.02
CA GLU C 196 40.69 10.75 -15.79
C GLU C 196 41.15 11.12 -14.38
N ILE C 197 42.28 10.54 -13.97
CA ILE C 197 42.79 10.76 -12.62
C ILE C 197 43.10 12.24 -12.40
N GLY C 198 43.67 12.89 -13.42
CA GLY C 198 43.94 14.31 -13.29
C GLY C 198 42.66 15.13 -13.19
N GLN C 199 41.70 14.87 -14.07
CA GLN C 199 40.42 15.57 -14.00
C GLN C 199 39.67 15.22 -12.72
N HIS C 200 39.80 13.97 -12.26
CA HIS C 200 39.16 13.59 -11.00
C HIS C 200 39.73 14.38 -9.83
N ARG C 201 41.06 14.48 -9.76
CA ARG C 201 41.68 15.27 -8.71
C ARG C 201 41.34 16.75 -8.83
N THR C 202 41.19 17.24 -10.06
CA THR C 202 40.80 18.64 -10.26
C THR C 202 39.39 18.89 -9.73
N LYS C 203 38.45 17.99 -10.05
CA LYS C 203 37.10 18.13 -9.51
C LYS C 203 37.08 18.00 -7.99
N ILE C 204 37.91 17.12 -7.43
CA ILE C 204 37.98 16.99 -5.98
C ILE C 204 38.51 18.28 -5.36
N GLU C 205 39.51 18.90 -5.97
CA GLU C 205 40.04 20.15 -5.45
C GLU C 205 39.01 21.28 -5.56
N GLU C 206 38.26 21.30 -6.66
CA GLU C 206 37.19 22.29 -6.79
C GLU C 206 36.12 22.11 -5.73
N LEU C 207 35.75 20.85 -5.46
CA LEU C 207 34.79 20.58 -4.39
C LEU C 207 35.33 21.00 -3.03
N ARG C 208 36.62 20.75 -2.79
CA ARG C 208 37.23 21.15 -1.52
C ARG C 208 37.21 22.67 -1.37
N GLN C 209 37.48 23.40 -2.46
CA GLN C 209 37.40 24.85 -2.41
C GLN C 209 35.96 25.31 -2.18
N HIS C 210 35.00 24.62 -2.78
CA HIS C 210 33.59 24.98 -2.59
C HIS C 210 33.16 24.79 -1.14
N LEU C 211 33.64 23.72 -0.50
CA LEU C 211 33.33 23.53 0.92
C LEU C 211 34.10 24.52 1.81
N LEU C 212 35.34 24.84 1.42
CA LEU C 212 36.10 25.83 2.19
C LEU C 212 35.52 27.23 2.07
N ARG C 213 34.75 27.49 1.01
CA ARG C 213 34.07 28.79 0.88
C ARG C 213 33.21 29.10 2.10
N TRP C 214 32.71 28.06 2.79
CA TRP C 214 31.97 28.23 4.03
C TRP C 214 32.69 27.67 5.23
N GLY C 215 33.99 27.38 5.11
CA GLY C 215 34.76 26.87 6.23
C GLY C 215 34.41 25.45 6.63
N LEU C 216 34.70 24.49 5.75
CA LEU C 216 34.47 23.08 6.02
C LEU C 216 35.79 22.33 5.93
N THR C 217 36.00 21.40 6.86
CA THR C 217 37.23 20.62 6.90
C THR C 217 37.22 19.58 5.78
N THR C 218 38.21 19.64 4.90
CA THR C 218 38.33 18.71 3.78
C THR C 218 39.64 17.94 3.91
N PRO C 219 39.61 16.68 4.36
CA PRO C 219 40.81 15.85 4.50
C PRO C 219 41.21 15.17 3.20
N PRO C 228 38.69 -2.84 -1.44
CA PRO C 228 37.40 -2.18 -1.58
C PRO C 228 37.12 -1.18 -0.47
N PHE C 229 36.22 -0.23 -0.73
CA PHE C 229 35.87 0.78 0.25
C PHE C 229 34.94 0.19 1.31
N LEU C 230 34.61 1.00 2.32
CA LEU C 230 33.78 0.59 3.44
C LEU C 230 32.50 1.42 3.43
N TRP C 231 31.35 0.74 3.35
CA TRP C 231 30.04 1.39 3.39
C TRP C 231 29.16 0.60 4.36
N MET C 232 29.21 0.99 5.64
CA MET C 232 28.42 0.34 6.69
C MET C 232 28.66 -1.17 6.72
N GLY C 233 29.91 -1.57 6.46
CA GLY C 233 30.28 -2.97 6.47
C GLY C 233 30.29 -3.64 5.11
N TYR C 234 30.08 -2.90 4.03
CA TYR C 234 30.07 -3.45 2.68
C TYR C 234 31.40 -3.21 2.00
N GLU C 235 31.65 -3.99 0.94
CA GLU C 235 32.87 -3.90 0.16
C GLU C 235 32.52 -3.41 -1.24
N LEU C 236 33.13 -2.30 -1.64
CA LEU C 236 32.85 -1.65 -2.92
C LEU C 236 34.13 -1.63 -3.75
N HIS C 237 34.26 -2.57 -4.67
CA HIS C 237 35.40 -2.62 -5.57
C HIS C 237 35.19 -1.67 -6.75
N PRO C 238 36.27 -1.27 -7.43
CA PRO C 238 36.10 -0.41 -8.61
C PRO C 238 35.37 -1.10 -9.75
N ASP C 239 35.46 -2.42 -9.86
CA ASP C 239 34.84 -3.15 -10.95
C ASP C 239 33.69 -4.06 -10.50
N LYS C 240 33.46 -4.20 -9.20
CA LYS C 240 32.41 -5.08 -8.70
C LYS C 240 32.10 -4.67 -7.26
N TRP C 241 31.33 -5.51 -6.57
CA TRP C 241 31.03 -5.26 -5.16
C TRP C 241 30.63 -6.58 -4.52
N THR C 242 30.90 -6.70 -3.22
CA THR C 242 30.59 -7.91 -2.47
C THR C 242 30.35 -7.53 -1.02
N VAL C 243 29.97 -8.54 -0.23
CA VAL C 243 29.75 -8.37 1.20
C VAL C 243 31.02 -8.75 1.95
N GLN C 244 31.24 -8.09 3.09
CA GLN C 244 32.41 -8.39 3.89
C GLN C 244 32.38 -9.86 4.35
N PRO C 245 33.47 -10.61 4.18
CA PRO C 245 33.46 -12.01 4.60
C PRO C 245 33.44 -12.17 6.11
N ILE C 246 32.30 -12.60 6.65
CA ILE C 246 32.15 -12.77 8.09
C ILE C 246 32.78 -14.08 8.52
N VAL C 247 33.17 -14.15 9.79
CA VAL C 247 33.77 -15.35 10.36
C VAL C 247 32.95 -15.79 11.56
N LEU C 248 33.30 -16.94 12.15
CA LEU C 248 32.59 -17.48 13.29
C LEU C 248 33.59 -18.11 14.25
N PRO C 249 33.53 -17.78 15.54
CA PRO C 249 34.42 -18.42 16.50
C PRO C 249 34.11 -19.91 16.64
N GLU C 250 35.12 -20.66 17.08
CA GLU C 250 35.04 -22.11 17.17
C GLU C 250 35.23 -22.57 18.62
N LYS C 251 34.58 -21.87 19.55
CA LYS C 251 34.57 -22.25 20.95
C LYS C 251 33.25 -22.93 21.31
N ASP C 252 33.08 -23.24 22.59
CA ASP C 252 31.89 -23.92 23.08
C ASP C 252 30.94 -22.98 23.80
N SER C 253 31.42 -22.25 24.81
CA SER C 253 30.56 -21.35 25.56
C SER C 253 30.29 -20.08 24.76
N TRP C 254 29.16 -19.44 25.07
CA TRP C 254 28.76 -18.20 24.40
C TRP C 254 28.03 -17.34 25.42
N THR C 255 28.66 -16.25 25.86
CA THR C 255 28.04 -15.35 26.81
C THR C 255 26.91 -14.57 26.14
N VAL C 256 26.24 -13.72 26.93
CA VAL C 256 25.13 -12.94 26.39
C VAL C 256 25.64 -11.92 25.37
N ASN C 257 26.82 -11.35 25.61
CA ASN C 257 27.45 -10.49 24.61
C ASN C 257 27.74 -11.27 23.34
N ASP C 258 28.35 -12.46 23.50
CA ASP C 258 28.59 -13.33 22.35
C ASP C 258 27.29 -13.70 21.65
N ILE C 259 26.23 -13.92 22.41
CA ILE C 259 24.94 -14.29 21.83
C ILE C 259 24.41 -13.15 20.96
N CYS C 260 24.29 -11.96 21.54
CA CYS C 260 23.82 -10.80 20.78
C CYS C 260 24.68 -10.56 19.55
N LYS C 261 26.00 -10.68 19.69
CA LYS C 261 26.90 -10.44 18.57
C LYS C 261 26.71 -11.45 17.46
N LEU C 262 26.64 -12.74 17.81
CA LEU C 262 26.52 -13.78 16.78
C LEU C 262 25.17 -13.70 16.10
N VAL C 263 24.11 -13.37 16.86
CA VAL C 263 22.79 -13.29 16.24
C VAL C 263 22.73 -12.06 15.33
N GLY C 264 23.39 -10.96 15.70
CA GLY C 264 23.47 -9.84 14.80
C GLY C 264 24.24 -10.15 13.53
N LYS C 265 25.34 -10.91 13.68
CA LYS C 265 26.13 -11.31 12.51
C LYS C 265 25.31 -12.19 11.56
N LEU C 266 24.61 -13.18 12.10
CA LEU C 266 23.82 -14.06 11.24
C LEU C 266 22.61 -13.33 10.66
N ASN C 267 22.07 -12.33 11.36
CA ASN C 267 20.97 -11.56 10.80
C ASN C 267 21.46 -10.66 9.67
N TRP C 268 22.64 -10.06 9.82
CA TRP C 268 23.19 -9.22 8.75
C TRP C 268 23.72 -10.05 7.60
N ALA C 269 24.00 -11.34 7.82
CA ALA C 269 24.42 -12.21 6.74
C ALA C 269 23.26 -12.88 6.02
N SER C 270 22.14 -13.09 6.71
CA SER C 270 20.99 -13.74 6.09
C SER C 270 20.22 -12.82 5.16
N GLN C 271 20.38 -11.50 5.29
CA GLN C 271 19.67 -10.57 4.42
C GLN C 271 20.14 -10.66 2.96
N ILE C 272 21.33 -11.20 2.72
CA ILE C 272 21.86 -11.36 1.37
C ILE C 272 22.05 -12.83 1.01
N TYR C 273 22.50 -13.65 1.95
CA TYR C 273 22.73 -15.06 1.64
C TYR C 273 21.45 -15.86 1.85
N PRO C 274 21.19 -16.85 1.01
CA PRO C 274 19.99 -17.68 1.17
C PRO C 274 20.24 -18.88 2.08
N GLY C 275 19.14 -19.47 2.52
CA GLY C 275 19.21 -20.65 3.38
C GLY C 275 19.71 -20.39 4.78
N ILE C 276 19.80 -19.14 5.21
CA ILE C 276 20.27 -18.79 6.55
C ILE C 276 19.07 -18.28 7.34
N LYS C 277 18.74 -18.99 8.42
CA LYS C 277 17.60 -18.65 9.27
C LYS C 277 18.07 -18.46 10.71
N VAL C 278 17.15 -18.08 11.58
CA VAL C 278 17.47 -17.84 12.97
C VAL C 278 16.47 -18.55 13.87
N ARG C 279 15.83 -19.59 13.34
CA ARG C 279 14.85 -20.32 14.14
C ARG C 279 15.51 -21.17 15.22
N GLN C 280 16.68 -21.73 14.93
CA GLN C 280 17.38 -22.56 15.91
C GLN C 280 17.92 -21.71 17.05
N LEU C 281 18.39 -20.49 16.75
CA LEU C 281 18.92 -19.64 17.80
C LEU C 281 17.80 -18.96 18.55
N SER C 282 16.72 -18.59 17.86
CA SER C 282 15.59 -17.99 18.55
C SER C 282 14.97 -19.00 19.51
N LYS C 283 14.79 -20.24 19.06
CA LYS C 283 14.19 -21.27 19.91
C LYS C 283 15.13 -21.71 21.02
N LEU C 284 16.45 -21.64 20.81
CA LEU C 284 17.40 -22.04 21.84
C LEU C 284 17.80 -20.92 22.77
N LEU C 285 17.43 -19.67 22.48
CA LEU C 285 17.82 -18.52 23.29
C LEU C 285 16.60 -17.81 23.86
N ARG C 286 15.62 -18.58 24.34
CA ARG C 286 14.43 -18.02 24.96
C ARG C 286 14.60 -17.95 26.48
N GLY C 287 14.18 -16.83 27.06
CA GLY C 287 14.26 -16.64 28.49
C GLY C 287 15.66 -16.41 29.04
N THR C 288 16.67 -16.33 28.19
CA THR C 288 18.05 -16.15 28.64
C THR C 288 18.32 -14.67 28.88
N LYS C 289 18.40 -14.29 30.15
CA LYS C 289 18.71 -12.92 30.53
C LYS C 289 20.01 -12.79 31.30
N ALA C 290 20.71 -13.90 31.56
CA ALA C 290 21.97 -13.88 32.26
C ALA C 290 23.14 -13.76 31.29
N LEU C 291 24.35 -13.67 31.84
CA LEU C 291 25.56 -13.57 31.04
C LEU C 291 26.38 -14.84 31.00
N THR C 292 26.36 -15.64 32.06
CA THR C 292 27.12 -16.88 32.12
C THR C 292 26.35 -18.08 31.59
N GLU C 293 25.04 -17.93 31.34
CA GLU C 293 24.19 -19.02 30.84
C GLU C 293 24.82 -19.72 29.64
N VAL C 294 25.13 -21.00 29.81
CA VAL C 294 25.73 -21.81 28.74
C VAL C 294 24.60 -22.60 28.12
N ILE C 295 24.06 -22.09 27.01
CA ILE C 295 22.99 -22.80 26.29
C ILE C 295 23.56 -24.06 25.67
N PRO C 296 22.92 -25.24 25.86
CA PRO C 296 23.39 -26.50 25.29
C PRO C 296 23.35 -26.51 23.76
N THR C 298 23.31 -28.12 21.04
CA THR C 298 22.76 -29.35 20.49
C THR C 298 23.26 -29.60 19.08
N GLU C 299 22.93 -30.77 18.53
CA GLU C 299 23.37 -31.10 17.19
C GLU C 299 22.70 -30.22 16.14
N GLU C 300 21.50 -29.72 16.43
CA GLU C 300 20.82 -28.85 15.48
C GLU C 300 21.54 -27.52 15.30
N ALA C 301 21.95 -26.91 16.42
CA ALA C 301 22.73 -25.67 16.33
C ALA C 301 24.07 -25.92 15.65
N GLU C 302 24.69 -27.07 15.91
CA GLU C 302 25.97 -27.38 15.28
C GLU C 302 25.81 -27.51 13.77
N LEU C 303 24.77 -28.22 13.32
CA LEU C 303 24.57 -28.38 11.89
C LEU C 303 24.17 -27.07 11.23
N GLU C 304 23.39 -26.23 11.93
CA GLU C 304 23.04 -24.93 11.38
C GLU C 304 24.28 -24.05 11.21
N LEU C 305 25.16 -24.05 12.21
CA LEU C 305 26.38 -23.24 12.09
C LEU C 305 27.33 -23.81 11.05
N ALA C 306 27.35 -25.13 10.88
CA ALA C 306 28.17 -25.71 9.81
C ALA C 306 27.61 -25.35 8.43
N GLU C 307 26.28 -25.32 8.28
CA GLU C 307 25.69 -24.87 7.04
C GLU C 307 25.99 -23.39 6.80
N ASN C 308 25.96 -22.58 7.85
CA ASN C 308 26.34 -21.18 7.71
C ASN C 308 27.78 -21.04 7.25
N ARG C 309 28.69 -21.83 7.83
CA ARG C 309 30.07 -21.89 7.36
C ARG C 309 30.13 -22.22 5.87
N GLU C 310 29.56 -23.37 5.49
CA GLU C 310 29.58 -23.82 4.11
C GLU C 310 29.07 -22.75 3.16
N ILE C 311 27.99 -22.05 3.53
CA ILE C 311 27.45 -21.01 2.66
C ILE C 311 28.37 -19.79 2.62
N LEU C 312 28.98 -19.45 3.74
CA LEU C 312 29.90 -18.32 3.81
C LEU C 312 31.33 -18.69 3.44
N LYS C 313 31.59 -19.95 3.08
CA LYS C 313 32.91 -20.34 2.64
C LYS C 313 33.27 -19.73 1.29
N GLU C 314 32.27 -19.45 0.47
CA GLU C 314 32.47 -18.82 -0.84
C GLU C 314 31.69 -17.51 -0.88
N PRO C 315 32.36 -16.37 -0.99
CA PRO C 315 31.63 -15.09 -1.01
C PRO C 315 31.01 -14.81 -2.35
N VAL C 316 29.80 -14.25 -2.31
CA VAL C 316 29.08 -13.84 -3.51
C VAL C 316 29.52 -12.44 -3.91
N HIS C 317 29.46 -12.15 -5.20
CA HIS C 317 29.90 -10.87 -5.74
C HIS C 317 28.82 -10.34 -6.68
N GLY C 318 28.34 -9.13 -6.40
CA GLY C 318 27.35 -8.49 -7.23
C GLY C 318 27.96 -7.54 -8.26
N VAL C 319 27.10 -7.05 -9.15
CA VAL C 319 27.48 -6.14 -10.21
C VAL C 319 26.67 -4.86 -10.08
N TYR C 320 27.30 -3.72 -10.36
CA TYR C 320 26.61 -2.44 -10.30
C TYR C 320 25.55 -2.34 -11.39
N TYR C 321 24.46 -1.66 -11.08
CA TYR C 321 23.37 -1.52 -12.03
C TYR C 321 23.79 -0.67 -13.23
N ASP C 322 23.38 -1.10 -14.41
CA ASP C 322 23.69 -0.39 -15.65
C ASP C 322 22.47 0.37 -16.12
N PRO C 323 22.48 1.70 -16.16
CA PRO C 323 21.29 2.43 -16.60
C PRO C 323 20.96 2.24 -18.06
N SER C 324 21.97 2.00 -18.91
CA SER C 324 21.72 1.86 -20.33
C SER C 324 20.92 0.59 -20.63
N LYS C 325 21.45 -0.57 -20.27
CA LYS C 325 20.79 -1.83 -20.55
C LYS C 325 19.70 -2.11 -19.52
N ASP C 326 18.77 -2.98 -19.90
CA ASP C 326 17.67 -3.36 -19.02
C ASP C 326 18.12 -4.48 -18.08
N LEU C 327 17.18 -5.08 -17.37
CA LEU C 327 17.48 -6.15 -16.43
C LEU C 327 16.35 -7.16 -16.44
N ILE C 328 16.72 -8.43 -16.23
CA ILE C 328 15.77 -9.54 -16.29
C ILE C 328 15.72 -10.20 -14.92
N ALA C 329 14.53 -10.66 -14.54
CA ALA C 329 14.32 -11.35 -13.27
C ALA C 329 13.83 -12.76 -13.53
N GLU C 330 14.05 -13.64 -12.55
CA GLU C 330 13.64 -15.03 -12.65
C GLU C 330 13.48 -15.59 -11.25
N ILE C 331 12.58 -16.57 -11.12
CA ILE C 331 12.29 -17.20 -9.84
C ILE C 331 12.21 -18.71 -10.06
N GLN C 332 12.85 -19.47 -9.18
CA GLN C 332 12.82 -20.93 -9.22
C GLN C 332 12.37 -21.46 -7.87
N LYS C 333 11.43 -22.41 -7.89
CA LYS C 333 10.93 -23.02 -6.67
C LYS C 333 11.93 -24.04 -6.14
N GLN C 334 12.08 -24.08 -4.82
CA GLN C 334 12.97 -25.03 -4.17
C GLN C 334 12.24 -26.10 -3.36
N GLY C 335 10.95 -25.95 -3.16
CA GLY C 335 10.20 -26.98 -2.45
C GLY C 335 9.69 -26.49 -1.11
N GLN C 336 8.58 -27.09 -0.66
CA GLN C 336 7.98 -26.80 0.64
C GLN C 336 7.61 -25.31 0.77
N GLY C 337 6.99 -24.78 -0.28
CA GLY C 337 6.56 -23.40 -0.28
C GLY C 337 7.67 -22.39 -0.12
N GLN C 338 8.86 -22.69 -0.63
CA GLN C 338 9.99 -21.78 -0.58
C GLN C 338 10.42 -21.45 -2.00
N TRP C 339 10.60 -20.16 -2.28
CA TRP C 339 10.92 -19.69 -3.62
C TRP C 339 12.04 -18.69 -3.57
N THR C 340 13.06 -18.89 -4.41
CA THR C 340 14.21 -18.01 -4.49
C THR C 340 14.18 -17.23 -5.81
N TYR C 341 14.65 -15.99 -5.75
CA TYR C 341 14.61 -15.09 -6.90
C TYR C 341 16.02 -14.63 -7.25
N GLN C 342 16.20 -14.25 -8.52
CA GLN C 342 17.46 -13.72 -9.00
C GLN C 342 17.21 -12.52 -9.89
N ILE C 343 18.11 -11.54 -9.82
CA ILE C 343 18.03 -10.33 -10.62
C ILE C 343 19.34 -10.20 -11.40
N TYR C 344 19.24 -10.09 -12.71
CA TYR C 344 20.43 -10.08 -13.56
C TYR C 344 20.16 -9.26 -14.81
N GLN C 345 21.25 -8.82 -15.43
CA GLN C 345 21.21 -8.15 -16.73
C GLN C 345 21.92 -8.94 -17.83
N GLU C 346 22.90 -9.77 -17.48
CA GLU C 346 23.62 -10.61 -18.42
C GLU C 346 23.57 -12.06 -17.94
N PRO C 347 23.62 -13.01 -18.86
CA PRO C 347 23.55 -14.44 -18.47
C PRO C 347 24.59 -14.80 -17.43
N PHE C 348 24.13 -15.37 -16.32
CA PHE C 348 24.92 -15.81 -15.17
C PHE C 348 25.57 -14.67 -14.40
N LYS C 349 25.39 -13.42 -14.83
CA LYS C 349 25.91 -12.26 -14.11
C LYS C 349 24.83 -11.66 -13.23
N ASN C 350 24.46 -12.40 -12.20
CA ASN C 350 23.38 -11.99 -11.33
C ASN C 350 23.79 -10.80 -10.45
N LEU C 351 22.84 -9.91 -10.20
CA LEU C 351 23.07 -8.75 -9.35
C LEU C 351 22.94 -9.11 -7.87
N LYS C 352 21.79 -9.67 -7.50
CA LYS C 352 21.53 -10.07 -6.13
C LYS C 352 20.57 -11.25 -6.13
N THR C 353 20.50 -11.94 -4.99
CA THR C 353 19.63 -13.09 -4.86
C THR C 353 18.83 -12.95 -3.56
N GLY C 354 18.05 -13.97 -3.19
CA GLY C 354 17.28 -13.91 -1.97
C GLY C 354 16.34 -15.09 -1.88
N LYS C 355 15.34 -14.96 -0.99
CA LYS C 355 14.38 -16.03 -0.77
C LYS C 355 13.08 -15.43 -0.24
N TYR C 356 11.97 -16.04 -0.62
CA TYR C 356 10.64 -15.61 -0.18
C TYR C 356 9.83 -16.86 0.15
N ALA C 357 9.48 -17.03 1.43
CA ALA C 357 8.73 -18.21 1.85
C ALA C 357 7.64 -17.88 2.85
N ARG C 358 7.17 -16.64 2.89
CA ARG C 358 6.12 -16.26 3.84
C ARG C 358 4.79 -16.85 3.41
N MET C 359 4.09 -17.48 4.36
CA MET C 359 2.79 -18.08 4.09
C MET C 359 1.71 -17.02 4.30
N ARG C 360 1.54 -16.19 3.28
CA ARG C 360 0.53 -15.12 3.32
C ARG C 360 -0.86 -15.74 3.18
N GLY C 361 -1.62 -15.73 4.26
CA GLY C 361 -2.95 -16.30 4.26
C GLY C 361 -3.00 -17.69 4.85
N ALA C 362 -4.21 -18.13 5.19
CA ALA C 362 -4.37 -19.46 5.77
C ALA C 362 -4.23 -20.54 4.72
N HIS C 363 -4.73 -20.29 3.51
CA HIS C 363 -4.69 -21.26 2.42
C HIS C 363 -3.98 -20.62 1.24
N THR C 364 -2.81 -21.14 0.88
CA THR C 364 -2.03 -20.65 -0.23
C THR C 364 -1.84 -21.78 -1.25
N ASN C 365 -1.35 -21.40 -2.42
CA ASN C 365 -1.10 -22.37 -3.50
C ASN C 365 0.05 -21.85 -4.35
N ASP C 366 0.21 -22.42 -5.54
CA ASP C 366 1.35 -22.10 -6.39
C ASP C 366 1.25 -20.70 -6.98
N VAL C 367 0.17 -20.42 -7.72
CA VAL C 367 0.09 -19.17 -8.47
C VAL C 367 -0.10 -17.99 -7.51
N LYS C 368 -0.73 -18.21 -6.36
CA LYS C 368 -0.88 -17.13 -5.39
C LYS C 368 0.47 -16.73 -4.83
N GLN C 369 1.29 -17.72 -4.45
CA GLN C 369 2.64 -17.44 -3.98
C GLN C 369 3.48 -16.82 -5.08
N LEU C 370 3.27 -17.23 -6.33
CA LEU C 370 4.00 -16.63 -7.44
C LEU C 370 3.63 -15.16 -7.62
N THR C 371 2.35 -14.83 -7.48
CA THR C 371 1.93 -13.43 -7.58
C THR C 371 2.50 -12.61 -6.43
N GLU C 372 2.49 -13.17 -5.21
CA GLU C 372 3.09 -12.47 -4.08
C GLU C 372 4.59 -12.23 -4.32
N ALA C 373 5.28 -13.24 -4.84
CA ALA C 373 6.71 -13.10 -5.10
C ALA C 373 6.97 -12.05 -6.17
N VAL C 374 6.19 -12.06 -7.25
CA VAL C 374 6.45 -11.10 -8.32
C VAL C 374 6.10 -9.68 -7.88
N GLN C 375 5.09 -9.52 -7.01
CA GLN C 375 4.79 -8.18 -6.52
C GLN C 375 5.86 -7.70 -5.56
N LYS C 376 6.39 -8.59 -4.71
CA LYS C 376 7.51 -8.21 -3.87
C LYS C 376 8.72 -7.82 -4.70
N ILE C 377 8.98 -8.55 -5.79
CA ILE C 377 10.15 -8.27 -6.61
C ILE C 377 9.99 -6.94 -7.34
N THR C 378 8.80 -6.67 -7.88
CA THR C 378 8.63 -5.38 -8.56
C THR C 378 8.65 -4.22 -7.58
N THR C 379 8.14 -4.42 -6.35
CA THR C 379 8.27 -3.37 -5.33
C THR C 379 9.73 -3.12 -4.99
N GLU C 380 10.52 -4.19 -4.85
CA GLU C 380 11.95 -4.01 -4.58
C GLU C 380 12.66 -3.32 -5.74
N SER C 381 12.26 -3.63 -6.97
CA SER C 381 12.86 -3.00 -8.13
C SER C 381 12.49 -1.52 -8.21
N ILE C 382 11.26 -1.18 -7.82
CA ILE C 382 10.85 0.23 -7.79
C ILE C 382 11.62 0.99 -6.72
N VAL C 383 11.74 0.42 -5.52
CA VAL C 383 12.38 1.15 -4.44
C VAL C 383 13.89 1.20 -4.63
N ILE C 384 14.48 0.26 -5.37
CA ILE C 384 15.92 0.18 -5.54
C ILE C 384 16.36 0.75 -6.89
N TRP C 385 15.72 0.32 -7.98
CA TRP C 385 16.12 0.73 -9.32
C TRP C 385 15.14 1.68 -9.99
N GLY C 386 13.93 1.84 -9.44
CA GLY C 386 12.98 2.78 -10.02
C GLY C 386 12.41 2.37 -11.36
N LYS C 387 12.41 1.08 -11.68
CA LYS C 387 11.86 0.61 -12.95
C LYS C 387 11.34 -0.80 -12.75
N THR C 388 10.60 -1.28 -13.75
CA THR C 388 10.02 -2.61 -13.72
C THR C 388 10.81 -3.54 -14.63
N PRO C 389 11.32 -4.65 -14.14
CA PRO C 389 12.11 -5.55 -14.96
C PRO C 389 11.26 -6.63 -15.63
N LYS C 390 11.83 -7.22 -16.68
CA LYS C 390 11.20 -8.36 -17.33
C LYS C 390 11.40 -9.61 -16.49
N PHE C 391 10.41 -10.50 -16.53
CA PHE C 391 10.38 -11.68 -15.69
C PHE C 391 10.42 -12.93 -16.55
N LYS C 392 11.16 -13.94 -16.09
CA LYS C 392 11.22 -15.25 -16.72
C LYS C 392 10.50 -16.22 -15.79
N LEU C 393 9.21 -16.41 -16.02
CA LEU C 393 8.46 -17.23 -15.09
C LEU C 393 8.40 -18.68 -15.58
N PRO C 394 8.58 -19.65 -14.67
CA PRO C 394 8.49 -21.07 -15.06
C PRO C 394 7.06 -21.58 -15.05
N ILE C 395 6.22 -20.96 -15.88
CA ILE C 395 4.80 -21.31 -15.98
C ILE C 395 4.34 -21.05 -17.41
N GLN C 396 3.25 -21.70 -17.78
CA GLN C 396 2.72 -21.58 -19.13
C GLN C 396 1.75 -20.42 -19.24
N LYS C 397 1.56 -19.95 -20.48
CA LYS C 397 0.70 -18.80 -20.73
C LYS C 397 -0.78 -19.16 -20.53
N GLU C 398 -1.23 -20.25 -21.16
CA GLU C 398 -2.64 -20.60 -21.11
C GLU C 398 -3.07 -20.99 -19.70
N THR C 399 -2.19 -21.62 -18.92
CA THR C 399 -2.53 -21.95 -17.55
C THR C 399 -2.76 -20.69 -16.72
N TRP C 400 -1.86 -19.71 -16.85
CA TRP C 400 -2.00 -18.47 -16.10
C TRP C 400 -3.24 -17.70 -16.54
N GLU C 401 -3.52 -17.68 -17.84
CA GLU C 401 -4.68 -16.93 -18.31
C GLU C 401 -5.97 -17.59 -17.85
N THR C 402 -6.05 -18.93 -17.90
CA THR C 402 -7.21 -19.63 -17.37
C THR C 402 -7.37 -19.37 -15.88
N TRP C 403 -6.26 -19.36 -15.14
CA TRP C 403 -6.33 -19.11 -13.71
C TRP C 403 -6.89 -17.72 -13.41
N TRP C 404 -6.29 -16.68 -13.99
CA TRP C 404 -6.74 -15.33 -13.64
C TRP C 404 -8.10 -15.00 -14.24
N THR C 405 -8.53 -15.71 -15.29
CA THR C 405 -9.88 -15.51 -15.80
C THR C 405 -10.92 -16.28 -14.99
N GLU C 406 -10.53 -17.36 -14.32
CA GLU C 406 -11.43 -18.18 -13.52
C GLU C 406 -11.18 -17.98 -12.03
N TYR C 407 -10.86 -16.76 -11.62
CA TYR C 407 -10.61 -16.44 -10.23
C TYR C 407 -11.51 -15.30 -9.78
N TRP C 408 -11.85 -15.30 -8.49
CA TRP C 408 -12.76 -14.32 -7.91
C TRP C 408 -12.06 -13.08 -7.40
N GLN C 409 -10.84 -12.81 -7.86
CA GLN C 409 -10.09 -11.63 -7.44
C GLN C 409 -9.43 -11.03 -8.67
N ALA C 410 -8.61 -10.01 -8.45
CA ALA C 410 -7.90 -9.30 -9.52
C ALA C 410 -6.40 -9.48 -9.31
N THR C 411 -5.75 -10.14 -10.27
CA THR C 411 -4.31 -10.35 -10.22
C THR C 411 -3.72 -10.05 -11.59
N TRP C 412 -2.71 -9.19 -11.62
CA TRP C 412 -2.06 -8.79 -12.87
C TRP C 412 -0.56 -8.77 -12.67
N ILE C 413 0.16 -9.23 -13.68
CA ILE C 413 1.62 -9.25 -13.67
C ILE C 413 2.13 -8.58 -14.94
N PRO C 414 3.34 -8.01 -14.93
CA PRO C 414 3.89 -7.41 -16.16
C PRO C 414 4.24 -8.46 -17.20
N GLU C 415 4.80 -8.03 -18.32
CA GLU C 415 5.18 -8.95 -19.39
C GLU C 415 6.18 -9.98 -18.88
N TRP C 416 6.08 -11.20 -19.41
CA TRP C 416 6.92 -12.30 -18.97
C TRP C 416 7.03 -13.32 -20.10
N GLU C 417 7.72 -14.41 -19.81
CA GLU C 417 7.92 -15.49 -20.78
C GLU C 417 8.06 -16.79 -20.01
N PHE C 418 8.37 -17.87 -20.73
CA PHE C 418 8.45 -19.21 -20.15
C PHE C 418 9.87 -19.72 -20.20
N VAL C 419 10.28 -20.42 -19.15
CA VAL C 419 11.58 -21.07 -19.05
C VAL C 419 11.36 -22.51 -18.61
N ASN C 420 11.95 -23.46 -19.33
CA ASN C 420 11.77 -24.88 -19.06
C ASN C 420 12.82 -25.33 -18.05
N THR C 421 12.39 -25.48 -16.80
CA THR C 421 13.27 -25.95 -15.73
C THR C 421 12.46 -26.51 -14.57
N PRO C 422 12.80 -27.70 -14.06
CA PRO C 422 12.07 -28.24 -12.92
C PRO C 422 12.41 -27.48 -11.65
N PRO C 423 11.47 -27.40 -10.69
CA PRO C 423 10.12 -27.95 -10.78
C PRO C 423 9.14 -27.03 -11.50
N LEU C 424 8.34 -27.59 -12.40
CA LEU C 424 7.36 -26.80 -13.12
C LEU C 424 6.23 -26.36 -12.20
N VAL C 425 5.64 -25.22 -12.52
CA VAL C 425 4.53 -24.66 -11.75
C VAL C 425 3.25 -24.96 -12.51
N LYS C 426 2.48 -25.93 -12.00
CA LYS C 426 1.23 -26.32 -12.64
C LYS C 426 0.11 -26.39 -11.62
N LEU C 427 -1.06 -26.89 -12.04
CA LEU C 427 -2.21 -27.06 -11.17
C LEU C 427 -2.45 -28.55 -10.95
N TRP C 428 -2.56 -28.96 -9.69
CA TRP C 428 -2.76 -30.37 -9.37
C TRP C 428 -4.13 -30.87 -9.80
N TYR C 429 -5.12 -29.97 -9.87
CA TYR C 429 -6.47 -30.34 -10.26
C TYR C 429 -7.20 -29.08 -10.72
N GLN C 430 -8.44 -29.27 -11.15
CA GLN C 430 -9.28 -28.17 -11.61
C GLN C 430 -10.68 -28.38 -11.03
N LEU C 431 -11.63 -27.57 -11.49
CA LEU C 431 -13.03 -27.68 -11.08
C LEU C 431 -13.92 -27.50 -12.29
N GLU C 432 -15.21 -27.74 -12.08
CA GLU C 432 -16.21 -27.66 -13.13
C GLU C 432 -17.29 -26.65 -12.74
N LYS C 433 -18.28 -26.49 -13.63
CA LYS C 433 -19.39 -25.59 -13.40
C LYS C 433 -20.75 -26.23 -13.62
N GLU C 434 -20.79 -27.53 -13.92
CA GLU C 434 -22.05 -28.23 -14.18
C GLU C 434 -21.84 -29.70 -13.88
N PRO C 435 -22.90 -30.41 -13.44
CA PRO C 435 -22.73 -31.82 -13.08
C PRO C 435 -22.35 -32.70 -14.25
N ILE C 436 -22.08 -33.98 -13.97
CA ILE C 436 -21.66 -34.93 -14.99
C ILE C 436 -22.57 -36.15 -14.93
N VAL C 437 -22.92 -36.68 -16.10
CA VAL C 437 -23.78 -37.85 -16.17
C VAL C 437 -23.07 -39.05 -15.56
N GLY C 438 -23.82 -39.90 -14.86
CA GLY C 438 -23.28 -41.07 -14.21
C GLY C 438 -22.67 -40.82 -12.85
N ALA C 439 -22.82 -39.62 -12.29
CA ALA C 439 -22.26 -39.30 -11.00
C ALA C 439 -23.22 -39.77 -9.90
N GLU C 440 -22.96 -39.35 -8.66
CA GLU C 440 -23.78 -39.71 -7.51
C GLU C 440 -23.93 -38.51 -6.61
N THR C 441 -25.10 -38.38 -5.99
CA THR C 441 -25.38 -37.25 -5.10
C THR C 441 -24.78 -37.50 -3.73
N PHE C 442 -24.38 -36.41 -3.06
CA PHE C 442 -23.75 -36.50 -1.75
C PHE C 442 -24.19 -35.28 -0.94
N TYR C 443 -25.16 -35.46 -0.06
CA TYR C 443 -25.58 -34.41 0.87
C TYR C 443 -24.85 -34.62 2.19
N VAL C 444 -23.97 -33.70 2.54
CA VAL C 444 -23.14 -33.82 3.73
C VAL C 444 -23.47 -32.68 4.68
N ASP C 445 -23.31 -32.94 5.97
CA ASP C 445 -23.55 -31.98 7.03
C ASP C 445 -22.94 -32.53 8.32
N GLY C 446 -22.98 -31.72 9.37
CA GLY C 446 -22.45 -32.14 10.66
C GLY C 446 -22.10 -30.99 11.58
N ALA C 447 -22.33 -31.16 12.87
CA ALA C 447 -22.03 -30.13 13.87
C ALA C 447 -21.88 -30.81 15.22
N ALA C 448 -21.58 -30.00 16.23
CA ALA C 448 -21.42 -30.51 17.59
C ALA C 448 -21.80 -29.41 18.57
N ASN C 449 -22.04 -29.82 19.82
CA ASN C 449 -22.38 -28.86 20.86
C ASN C 449 -21.17 -28.01 21.21
N ARG C 450 -21.43 -26.79 21.67
CA ARG C 450 -20.37 -25.85 22.02
C ARG C 450 -19.64 -26.23 23.30
N GLU C 451 -20.06 -27.29 23.99
CA GLU C 451 -19.41 -27.73 25.22
C GLU C 451 -18.94 -29.17 25.16
N THR C 452 -19.69 -30.07 24.52
CA THR C 452 -19.28 -31.46 24.45
C THR C 452 -18.18 -31.69 23.41
N LYS C 453 -18.22 -30.95 22.30
CA LYS C 453 -17.24 -31.07 21.23
C LYS C 453 -17.17 -32.49 20.65
N LEU C 454 -18.28 -33.20 20.70
CA LEU C 454 -18.38 -34.57 20.19
C LEU C 454 -19.47 -34.60 19.13
N GLY C 455 -19.07 -34.49 17.86
CA GLY C 455 -19.99 -34.51 16.75
C GLY C 455 -19.68 -35.63 15.78
N LYS C 456 -20.65 -35.90 14.91
CA LYS C 456 -20.54 -36.92 13.88
C LYS C 456 -20.69 -36.28 12.51
N ALA C 457 -20.61 -37.11 11.47
CA ALA C 457 -20.71 -36.63 10.10
C ALA C 457 -21.16 -37.77 9.21
N GLY C 458 -22.14 -37.51 8.35
CA GLY C 458 -22.64 -38.52 7.44
C GLY C 458 -22.89 -38.00 6.04
N TYR C 459 -23.59 -38.79 5.24
CA TYR C 459 -23.90 -38.43 3.85
C TYR C 459 -24.96 -39.41 3.35
N VAL C 460 -25.44 -39.15 2.14
CA VAL C 460 -26.43 -40.00 1.48
C VAL C 460 -25.96 -40.30 0.07
N THR C 461 -26.56 -41.32 -0.54
CA THR C 461 -26.22 -41.75 -1.88
C THR C 461 -27.48 -42.31 -2.53
N ASN C 462 -27.41 -42.50 -3.85
CA ASN C 462 -28.52 -43.09 -4.58
C ASN C 462 -28.71 -44.56 -4.19
N LYS C 463 -27.64 -45.35 -4.27
CA LYS C 463 -27.70 -46.76 -3.91
C LYS C 463 -27.90 -46.98 -2.41
N GLY C 464 -27.64 -45.96 -1.59
CA GLY C 464 -27.78 -46.12 -0.15
C GLY C 464 -26.56 -46.77 0.49
N ARG C 465 -25.42 -46.08 0.42
CA ARG C 465 -24.16 -46.58 0.96
C ARG C 465 -23.57 -45.54 1.92
N GLN C 466 -24.39 -45.08 2.86
CA GLN C 466 -23.99 -44.05 3.80
C GLN C 466 -23.01 -44.60 4.83
N LYS C 467 -22.46 -43.69 5.63
CA LYS C 467 -21.50 -44.04 6.66
C LYS C 467 -21.32 -42.88 7.64
N VAL C 468 -21.59 -43.13 8.92
CA VAL C 468 -21.47 -42.10 9.96
C VAL C 468 -20.30 -42.48 10.86
N VAL C 469 -19.47 -41.50 11.18
CA VAL C 469 -18.31 -41.70 12.04
C VAL C 469 -18.24 -40.58 13.06
N PRO C 470 -18.15 -40.88 14.36
CA PRO C 470 -18.05 -39.82 15.36
C PRO C 470 -16.68 -39.16 15.35
N LEU C 471 -16.64 -37.95 15.90
CA LEU C 471 -15.40 -37.17 16.01
C LEU C 471 -15.19 -36.77 17.46
N THR C 472 -13.95 -36.40 17.78
CA THR C 472 -13.56 -35.99 19.12
C THR C 472 -12.89 -34.63 19.07
N ASN C 473 -13.42 -33.69 19.85
CA ASN C 473 -12.88 -32.33 19.93
C ASN C 473 -12.81 -31.68 18.54
N THR C 474 -13.98 -31.53 17.93
CA THR C 474 -14.09 -31.02 16.58
C THR C 474 -15.11 -29.90 16.52
N THR C 475 -14.94 -29.00 15.56
CA THR C 475 -15.85 -27.90 15.30
C THR C 475 -16.66 -28.20 14.04
N ASN C 476 -17.78 -27.49 13.90
CA ASN C 476 -18.70 -27.75 12.80
C ASN C 476 -17.99 -27.68 11.45
N GLN C 477 -17.14 -26.67 11.26
CA GLN C 477 -16.36 -26.56 10.02
C GLN C 477 -15.55 -27.83 9.78
N LYS C 478 -14.80 -28.25 10.80
CA LYS C 478 -14.01 -29.47 10.66
C LYS C 478 -14.91 -30.70 10.52
N THR C 479 -16.11 -30.66 11.07
CA THR C 479 -17.06 -31.75 10.84
C THR C 479 -17.45 -31.86 9.36
N GLN C 480 -17.72 -30.73 8.72
CA GLN C 480 -18.05 -30.76 7.30
C GLN C 480 -16.83 -31.17 6.48
N LEU C 481 -15.63 -30.72 6.88
CA LEU C 481 -14.43 -31.15 6.19
C LEU C 481 -14.25 -32.65 6.28
N GLN C 482 -14.44 -33.22 7.47
CA GLN C 482 -14.32 -34.68 7.62
C GLN C 482 -15.39 -35.39 6.82
N ALA C 483 -16.60 -34.81 6.76
CA ALA C 483 -17.68 -35.42 6.01
C ALA C 483 -17.35 -35.50 4.52
N ILE C 484 -16.91 -34.38 3.93
CA ILE C 484 -16.53 -34.41 2.52
C ILE C 484 -15.29 -35.27 2.30
N TYR C 485 -14.41 -35.36 3.30
CA TYR C 485 -13.26 -36.25 3.21
C TYR C 485 -13.70 -37.70 3.06
N LEU C 486 -14.51 -38.17 4.01
CA LEU C 486 -15.00 -39.55 3.94
C LEU C 486 -15.90 -39.77 2.74
N ALA C 487 -16.53 -38.71 2.22
CA ALA C 487 -17.32 -38.85 1.00
C ALA C 487 -16.41 -39.13 -0.20
N LEU C 488 -15.37 -38.33 -0.37
CA LEU C 488 -14.41 -38.56 -1.45
C LEU C 488 -13.57 -39.81 -1.23
N GLN C 489 -13.53 -40.34 0.00
CA GLN C 489 -12.74 -41.54 0.27
C GLN C 489 -13.35 -42.77 -0.39
N ASP C 490 -14.67 -42.93 -0.29
CA ASP C 490 -15.36 -44.10 -0.81
C ASP C 490 -16.15 -43.79 -2.09
N SER C 491 -15.84 -42.68 -2.75
CA SER C 491 -16.53 -42.33 -3.98
C SER C 491 -15.98 -43.13 -5.16
N GLY C 492 -16.64 -43.00 -6.30
CA GLY C 492 -16.20 -43.66 -7.51
C GLY C 492 -15.12 -42.89 -8.25
N LEU C 493 -15.25 -42.79 -9.57
CA LEU C 493 -14.30 -42.05 -10.38
C LEU C 493 -14.74 -40.63 -10.67
N GLU C 494 -16.05 -40.40 -10.82
CA GLU C 494 -16.58 -39.06 -11.06
C GLU C 494 -17.85 -38.91 -10.25
N VAL C 495 -17.78 -38.14 -9.16
CA VAL C 495 -18.92 -37.90 -8.28
C VAL C 495 -19.09 -36.41 -8.09
N ASN C 496 -20.29 -36.03 -7.65
CA ASN C 496 -20.63 -34.65 -7.35
C ASN C 496 -21.05 -34.54 -5.89
N ILE C 497 -20.59 -33.48 -5.23
CA ILE C 497 -20.84 -33.27 -3.80
C ILE C 497 -21.50 -31.92 -3.62
N VAL C 498 -22.55 -31.89 -2.80
CA VAL C 498 -23.27 -30.65 -2.48
C VAL C 498 -23.29 -30.50 -0.96
N THR C 499 -23.02 -29.29 -0.49
CA THR C 499 -22.96 -28.99 0.93
C THR C 499 -23.70 -27.68 1.18
N ASP C 500 -23.60 -27.18 2.41
CA ASP C 500 -24.28 -25.95 2.80
C ASP C 500 -23.35 -24.90 3.38
N SER C 501 -22.32 -25.31 4.11
CA SER C 501 -21.38 -24.37 4.72
C SER C 501 -20.50 -23.76 3.65
N GLN C 502 -20.60 -22.44 3.46
CA GLN C 502 -19.79 -21.74 2.47
C GLN C 502 -18.31 -21.73 2.80
N TYR C 503 -17.93 -22.13 4.03
CA TYR C 503 -16.52 -22.18 4.38
C TYR C 503 -15.78 -23.24 3.56
N ALA C 504 -16.31 -24.47 3.54
CA ALA C 504 -15.72 -25.51 2.72
C ALA C 504 -15.81 -25.17 1.23
N LEU C 505 -16.87 -24.47 0.82
CA LEU C 505 -16.98 -24.01 -0.55
C LEU C 505 -15.81 -23.09 -0.91
N GLY C 506 -15.56 -22.08 -0.08
CA GLY C 506 -14.46 -21.17 -0.32
C GLY C 506 -13.10 -21.83 -0.22
N ILE C 507 -12.99 -22.86 0.62
CA ILE C 507 -11.73 -23.59 0.73
C ILE C 507 -11.45 -24.39 -0.54
N ILE C 508 -12.47 -25.11 -1.03
CA ILE C 508 -12.27 -25.98 -2.19
C ILE C 508 -12.11 -25.16 -3.46
N GLN C 509 -12.92 -24.10 -3.61
CA GLN C 509 -12.88 -23.30 -4.82
C GLN C 509 -11.54 -22.57 -4.98
N ALA C 510 -10.81 -22.33 -3.90
CA ALA C 510 -9.51 -21.69 -4.00
C ALA C 510 -8.44 -22.62 -4.55
N GLN C 511 -8.66 -23.93 -4.45
CA GLN C 511 -7.74 -24.96 -4.93
C GLN C 511 -6.35 -24.77 -4.32
N PRO C 512 -6.18 -25.02 -3.02
CA PRO C 512 -4.88 -24.84 -2.40
C PRO C 512 -3.99 -26.07 -2.60
N ASP C 513 -2.74 -25.93 -2.18
CA ASP C 513 -1.78 -27.03 -2.26
C ASP C 513 -1.07 -27.23 -0.92
N LYS C 514 -0.95 -26.15 -0.14
CA LYS C 514 -0.29 -26.21 1.16
C LYS C 514 -0.97 -25.22 2.09
N SER C 515 -1.58 -25.72 3.15
CA SER C 515 -2.31 -24.90 4.12
C SER C 515 -1.76 -25.18 5.52
N GLU C 516 -2.14 -24.31 6.45
CA GLU C 516 -1.73 -24.49 7.84
C GLU C 516 -2.38 -25.73 8.45
N SER C 517 -3.70 -25.85 8.31
CA SER C 517 -4.41 -27.02 8.79
C SER C 517 -4.13 -28.20 7.87
N GLU C 518 -3.54 -29.26 8.44
CA GLU C 518 -3.21 -30.44 7.64
C GLU C 518 -4.45 -31.17 7.14
N LEU C 519 -5.60 -30.93 7.75
CA LEU C 519 -6.83 -31.62 7.34
C LEU C 519 -7.14 -31.36 5.88
N VAL C 520 -7.22 -30.08 5.48
CA VAL C 520 -7.47 -29.75 4.09
C VAL C 520 -6.34 -30.26 3.19
N ASN C 521 -5.13 -30.40 3.74
CA ASN C 521 -4.02 -30.96 2.95
C ASN C 521 -4.25 -32.42 2.61
N GLN C 522 -4.66 -33.22 3.60
CA GLN C 522 -5.01 -34.61 3.33
C GLN C 522 -6.24 -34.70 2.43
N ILE C 523 -7.18 -33.76 2.57
CA ILE C 523 -8.36 -33.75 1.71
C ILE C 523 -7.95 -33.54 0.25
N ILE C 524 -7.09 -32.56 0.01
CA ILE C 524 -6.68 -32.30 -1.37
C ILE C 524 -5.78 -33.41 -1.89
N GLU C 525 -5.01 -34.05 -1.01
CA GLU C 525 -4.20 -35.18 -1.43
C GLU C 525 -5.06 -36.37 -1.83
N GLN C 526 -6.20 -36.56 -1.16
CA GLN C 526 -7.12 -37.62 -1.59
C GLN C 526 -7.92 -37.22 -2.82
N LEU C 527 -8.15 -35.92 -3.04
CA LEU C 527 -8.98 -35.54 -4.17
C LEU C 527 -8.19 -35.48 -5.47
N ILE C 528 -6.90 -35.16 -5.40
CA ILE C 528 -6.10 -34.96 -6.60
C ILE C 528 -6.04 -36.23 -7.45
N LYS C 529 -6.07 -37.41 -6.82
CA LYS C 529 -6.04 -38.64 -7.60
C LYS C 529 -7.35 -38.90 -8.33
N LYS C 530 -8.42 -38.19 -7.96
CA LYS C 530 -9.68 -38.30 -8.69
C LYS C 530 -9.63 -37.45 -9.94
N GLU C 531 -10.22 -37.98 -11.02
CA GLU C 531 -10.12 -37.32 -12.32
C GLU C 531 -11.04 -36.10 -12.40
N LYS C 532 -12.32 -36.27 -12.04
CA LYS C 532 -13.30 -35.21 -12.12
C LYS C 532 -14.09 -35.12 -10.82
N VAL C 533 -14.49 -33.90 -10.49
CA VAL C 533 -15.30 -33.64 -9.30
C VAL C 533 -16.04 -32.33 -9.51
N TYR C 534 -17.29 -32.29 -9.05
CA TYR C 534 -18.13 -31.11 -9.15
C TYR C 534 -18.69 -30.76 -7.78
N LEU C 535 -18.76 -29.47 -7.48
CA LEU C 535 -19.26 -28.98 -6.21
C LEU C 535 -20.48 -28.10 -6.43
N ALA C 536 -21.27 -27.95 -5.37
CA ALA C 536 -22.49 -27.14 -5.41
C ALA C 536 -22.68 -26.50 -4.04
N TRP C 537 -23.84 -25.88 -3.85
CA TRP C 537 -24.14 -25.22 -2.58
C TRP C 537 -25.65 -25.06 -2.45
N VAL C 538 -26.16 -25.35 -1.26
CA VAL C 538 -27.60 -25.25 -0.99
C VAL C 538 -27.80 -24.65 0.40
N PRO C 539 -28.77 -23.76 0.54
CA PRO C 539 -29.08 -23.20 1.86
C PRO C 539 -29.61 -24.29 2.80
N ALA C 540 -28.99 -24.39 3.96
CA ALA C 540 -29.34 -25.44 4.92
C ALA C 540 -30.67 -25.15 5.59
N HIS C 541 -31.22 -26.19 6.22
CA HIS C 541 -32.46 -26.10 6.99
C HIS C 541 -33.63 -25.65 6.11
N LYS C 542 -33.71 -26.21 4.91
CA LYS C 542 -34.80 -25.90 3.99
C LYS C 542 -35.40 -27.16 3.36
N GLY C 543 -34.95 -28.35 3.76
CA GLY C 543 -35.47 -29.59 3.22
C GLY C 543 -35.19 -29.74 1.73
N ILE C 544 -33.92 -29.79 1.36
CA ILE C 544 -33.51 -29.90 -0.04
C ILE C 544 -32.79 -31.22 -0.19
N GLY C 545 -33.45 -32.19 -0.83
CA GLY C 545 -32.87 -33.51 -1.05
C GLY C 545 -32.55 -34.25 0.23
N GLY C 546 -31.27 -34.47 0.49
CA GLY C 546 -30.81 -35.16 1.67
C GLY C 546 -30.23 -34.29 2.76
N ASN C 547 -30.32 -32.96 2.62
CA ASN C 547 -29.77 -32.06 3.63
C ASN C 547 -30.44 -32.26 4.98
N GLU C 548 -31.77 -32.09 5.03
CA GLU C 548 -32.49 -32.28 6.28
C GLU C 548 -32.43 -33.72 6.74
N GLN C 549 -32.33 -34.66 5.81
CA GLN C 549 -32.21 -36.07 6.18
C GLN C 549 -30.94 -36.33 6.98
N VAL C 550 -29.79 -35.91 6.43
CA VAL C 550 -28.53 -36.11 7.14
C VAL C 550 -28.49 -35.24 8.39
N ASP C 551 -29.18 -34.09 8.40
CA ASP C 551 -29.21 -33.27 9.60
C ASP C 551 -29.94 -33.98 10.72
N LYS C 552 -31.09 -34.58 10.42
CA LYS C 552 -31.82 -35.35 11.44
C LYS C 552 -31.06 -36.61 11.83
N LEU C 553 -30.31 -37.19 10.90
CA LEU C 553 -29.54 -38.39 11.23
C LEU C 553 -28.36 -38.08 12.15
N VAL C 554 -27.76 -36.89 12.00
CA VAL C 554 -26.59 -36.55 12.81
C VAL C 554 -26.96 -35.79 14.07
N SER C 555 -28.18 -35.26 14.16
CA SER C 555 -28.62 -34.46 15.30
C SER C 555 -29.24 -35.32 16.40
N ALA C 556 -28.88 -36.59 16.48
CA ALA C 556 -29.42 -37.48 17.51
C ALA C 556 -28.91 -37.05 18.89
N GLY C 557 -29.79 -36.45 19.68
CA GLY C 557 -29.42 -36.05 21.02
C GLY C 557 -28.46 -34.89 21.11
N ILE C 558 -28.41 -34.03 20.09
CA ILE C 558 -27.52 -32.87 20.11
C ILE C 558 -28.32 -31.62 19.73
N ARG C 559 -29.54 -31.82 19.24
CA ARG C 559 -30.39 -30.71 18.82
C ARG C 559 -31.16 -30.12 20.00
N LYS C 560 -31.92 -30.96 20.71
CA LYS C 560 -32.68 -30.50 21.86
C LYS C 560 -31.85 -30.55 23.14
N ILE D 7 -4.91 40.81 -2.75
CA ILE D 7 -5.72 39.63 -2.48
C ILE D 7 -5.84 39.40 -0.97
N GLU D 8 -7.05 39.13 -0.51
CA GLU D 8 -7.33 38.88 0.89
C GLU D 8 -7.75 37.41 1.04
N THR D 9 -6.79 36.57 1.42
CA THR D 9 -7.06 35.15 1.58
C THR D 9 -8.00 34.91 2.75
N VAL D 10 -8.99 34.04 2.53
CA VAL D 10 -9.95 33.71 3.59
C VAL D 10 -9.23 32.93 4.68
N PRO D 11 -9.38 33.32 5.95
CA PRO D 11 -8.69 32.59 7.03
C PRO D 11 -9.19 31.17 7.19
N VAL D 12 -8.33 30.20 6.92
CA VAL D 12 -8.66 28.79 7.04
C VAL D 12 -7.87 28.19 8.19
N LYS D 13 -8.53 27.37 8.99
CA LYS D 13 -7.91 26.72 10.14
C LYS D 13 -8.30 25.25 10.18
N LEU D 14 -7.57 24.49 10.98
CA LEU D 14 -7.84 23.07 11.16
C LEU D 14 -8.81 22.87 12.32
N LYS D 15 -8.99 21.62 12.75
CA LYS D 15 -9.86 21.30 13.87
C LYS D 15 -9.04 20.88 15.08
N PRO D 16 -9.37 21.39 16.27
CA PRO D 16 -8.60 21.02 17.46
C PRO D 16 -8.72 19.53 17.77
N GLY D 17 -7.65 18.97 18.33
CA GLY D 17 -7.57 17.58 18.67
C GLY D 17 -6.86 16.72 17.64
N MET D 18 -6.90 17.13 16.37
CA MET D 18 -6.25 16.40 15.29
C MET D 18 -5.24 17.30 14.60
N ASP D 19 -4.05 16.77 14.34
CA ASP D 19 -2.99 17.51 13.69
C ASP D 19 -3.03 17.26 12.19
N GLY D 20 -2.02 17.74 11.47
CA GLY D 20 -1.95 17.58 10.04
C GLY D 20 -1.54 16.17 9.64
N PRO D 21 -1.44 15.95 8.34
CA PRO D 21 -1.09 14.61 7.84
C PRO D 21 0.42 14.37 7.90
N LYS D 22 0.78 13.17 8.36
CA LYS D 22 2.18 12.77 8.47
C LYS D 22 2.36 11.34 7.97
N VAL D 23 1.67 10.99 6.90
CA VAL D 23 1.75 9.65 6.33
C VAL D 23 2.95 9.57 5.41
N LYS D 24 3.57 8.39 5.35
CA LYS D 24 4.77 8.19 4.55
C LYS D 24 4.42 8.24 3.06
N GLN D 25 5.46 8.18 2.23
CA GLN D 25 5.33 8.27 0.77
C GLN D 25 5.82 6.97 0.15
N TRP D 26 4.96 6.33 -0.63
CA TRP D 26 5.34 5.12 -1.34
C TRP D 26 6.36 5.44 -2.42
N PRO D 27 7.22 4.49 -2.78
CA PRO D 27 8.23 4.76 -3.81
C PRO D 27 7.60 4.95 -5.18
N LEU D 28 8.36 5.62 -6.06
CA LEU D 28 7.94 5.90 -7.42
C LEU D 28 9.04 5.41 -8.38
N THR D 29 8.83 5.67 -9.67
CA THR D 29 9.76 5.31 -10.71
C THR D 29 10.55 6.53 -11.16
N GLU D 30 11.79 6.30 -11.60
CA GLU D 30 12.65 7.42 -12.00
C GLU D 30 12.09 8.16 -13.21
N GLU D 31 11.40 7.44 -14.10
CA GLU D 31 10.80 8.09 -15.26
C GLU D 31 9.73 9.09 -14.83
N LYS D 32 9.01 8.79 -13.75
CA LYS D 32 8.08 9.76 -13.19
C LYS D 32 8.80 10.87 -12.43
N ILE D 33 9.93 10.56 -11.80
CA ILE D 33 10.71 11.58 -11.11
C ILE D 33 11.22 12.62 -12.10
N LYS D 34 11.53 12.19 -13.32
CA LYS D 34 11.96 13.14 -14.35
C LYS D 34 10.89 14.20 -14.59
N ALA D 35 9.65 13.77 -14.84
CA ALA D 35 8.58 14.73 -15.06
C ALA D 35 8.30 15.53 -13.80
N LEU D 36 8.41 14.90 -12.63
CA LEU D 36 8.20 15.62 -11.37
C LEU D 36 9.17 16.80 -11.24
N VAL D 37 10.45 16.56 -11.49
CA VAL D 37 11.42 17.64 -11.42
C VAL D 37 11.14 18.68 -12.50
N GLU D 38 10.88 18.22 -13.73
CA GLU D 38 10.66 19.14 -14.85
C GLU D 38 9.41 19.99 -14.69
N ILE D 39 8.48 19.60 -13.83
CA ILE D 39 7.29 20.41 -13.57
C ILE D 39 7.46 21.25 -12.30
N CYS D 40 8.13 20.71 -11.27
CA CYS D 40 8.27 21.50 -10.05
C CYS D 40 9.26 22.64 -10.23
N THR D 41 10.25 22.47 -11.10
CA THR D 41 11.15 23.60 -11.39
C THR D 41 10.37 24.76 -11.98
N GLU D 42 9.48 24.49 -12.94
CA GLU D 42 8.67 25.55 -13.53
C GLU D 42 7.68 26.13 -12.52
N MET D 43 7.06 25.28 -11.70
CA MET D 43 6.10 25.76 -10.71
C MET D 43 6.78 26.56 -9.60
N GLU D 44 8.07 26.33 -9.34
CA GLU D 44 8.80 27.14 -8.37
C GLU D 44 9.29 28.44 -8.99
N LYS D 45 9.71 28.39 -10.26
CA LYS D 45 10.05 29.63 -10.96
C LYS D 45 8.84 30.54 -11.12
N GLU D 46 7.65 29.96 -11.22
CA GLU D 46 6.42 30.75 -11.29
C GLU D 46 5.93 31.20 -9.93
N GLY D 47 6.64 30.90 -8.86
CA GLY D 47 6.25 31.32 -7.52
C GLY D 47 5.14 30.50 -6.89
N LYS D 48 4.74 29.38 -7.52
CA LYS D 48 3.66 28.58 -6.96
C LYS D 48 4.14 27.74 -5.77
N ILE D 49 5.42 27.41 -5.72
CA ILE D 49 5.99 26.62 -4.63
C ILE D 49 7.37 27.17 -4.28
N SER D 50 7.92 26.71 -3.16
CA SER D 50 9.22 27.14 -2.70
C SER D 50 9.80 26.06 -1.78
N LYS D 51 11.12 25.96 -1.77
CA LYS D 51 11.78 24.95 -0.97
C LYS D 51 11.82 25.35 0.51
N ILE D 52 11.72 24.34 1.38
CA ILE D 52 11.75 24.50 2.82
C ILE D 52 12.66 23.42 3.39
N GLY D 53 12.82 23.40 4.70
CA GLY D 53 13.65 22.42 5.37
C GLY D 53 12.84 21.50 6.27
N PRO D 54 13.49 20.97 7.31
CA PRO D 54 12.80 20.02 8.20
C PRO D 54 12.00 20.73 9.30
N GLU D 55 11.75 22.02 9.12
CA GLU D 55 11.03 22.79 10.13
C GLU D 55 9.58 22.36 10.30
N ASN D 56 9.03 21.58 9.36
CA ASN D 56 7.65 21.10 9.44
C ASN D 56 7.62 19.58 9.24
N PRO D 57 7.18 18.81 10.24
CA PRO D 57 7.11 17.35 10.07
C PRO D 57 5.93 16.87 9.24
N TYR D 58 5.06 17.77 8.78
CA TYR D 58 3.92 17.36 7.98
C TYR D 58 4.37 16.96 6.58
N ASN D 59 3.79 15.89 6.06
CA ASN D 59 4.16 15.37 4.75
C ASN D 59 2.94 14.69 4.12
N THR D 60 2.80 14.85 2.81
CA THR D 60 1.71 14.25 2.06
C THR D 60 2.28 13.67 0.78
N PRO D 61 1.95 12.43 0.43
CA PRO D 61 2.54 11.80 -0.76
C PRO D 61 2.16 12.52 -2.04
N VAL D 62 2.99 12.35 -3.07
CA VAL D 62 2.76 12.92 -4.38
C VAL D 62 3.14 11.89 -5.44
N PHE D 63 2.27 11.70 -6.42
CA PHE D 63 2.56 10.84 -7.56
C PHE D 63 2.08 11.54 -8.84
N ALA D 64 2.37 10.93 -9.98
CA ALA D 64 2.08 11.52 -11.27
C ALA D 64 1.41 10.50 -12.18
N ILE D 65 0.56 11.01 -13.06
CA ILE D 65 -0.17 10.19 -14.03
C ILE D 65 0.14 10.71 -15.43
N LYS D 66 -0.31 9.96 -16.43
CA LYS D 66 -0.19 10.33 -17.83
C LYS D 66 -1.58 10.75 -18.32
N LYS D 67 -1.82 12.06 -18.32
CA LYS D 67 -3.14 12.58 -18.68
C LYS D 67 -3.42 12.37 -20.16
N LYS D 68 -4.70 12.18 -20.47
CA LYS D 68 -5.14 11.99 -21.84
C LYS D 68 -5.16 13.34 -22.57
N ASP D 69 -5.26 13.27 -23.90
CA ASP D 69 -5.32 14.39 -24.84
C ASP D 69 -3.98 15.11 -24.99
N SER D 70 -2.94 14.68 -24.28
CA SER D 70 -1.62 15.29 -24.38
C SER D 70 -0.61 14.32 -23.79
N THR D 71 0.65 14.76 -23.70
CA THR D 71 1.73 13.96 -23.12
C THR D 71 2.23 14.54 -21.81
N LYS D 72 1.56 15.55 -21.27
CA LYS D 72 1.99 16.16 -20.02
C LYS D 72 1.76 15.21 -18.85
N TRP D 73 2.37 15.56 -17.71
CA TRP D 73 2.27 14.77 -16.48
C TRP D 73 1.77 15.70 -15.38
N ARG D 74 0.44 15.80 -15.26
CA ARG D 74 -0.16 16.65 -14.25
C ARG D 74 0.00 16.03 -12.87
N LYS D 75 0.68 16.73 -11.98
CA LYS D 75 0.89 16.25 -10.62
C LYS D 75 -0.37 16.43 -9.78
N LEU D 76 -0.53 15.54 -8.81
CA LEU D 76 -1.69 15.56 -7.93
C LEU D 76 -1.26 15.11 -6.55
N VAL D 77 -2.02 15.54 -5.54
CA VAL D 77 -1.73 15.27 -4.14
C VAL D 77 -2.93 14.62 -3.50
N ASP D 78 -2.71 13.47 -2.86
CA ASP D 78 -3.77 12.73 -2.18
C ASP D 78 -4.09 13.44 -0.86
N PHE D 79 -5.08 14.34 -0.91
CA PHE D 79 -5.49 15.10 0.26
C PHE D 79 -6.55 14.40 1.09
N ARG D 80 -6.57 13.06 1.06
CA ARG D 80 -7.59 12.31 1.79
C ARG D 80 -7.57 12.65 3.28
N GLU D 81 -6.40 12.65 3.90
CA GLU D 81 -6.32 12.94 5.33
C GLU D 81 -6.70 14.39 5.62
N LEU D 82 -6.18 15.32 4.83
CA LEU D 82 -6.52 16.73 5.03
C LEU D 82 -8.01 16.97 4.89
N ASN D 83 -8.63 16.39 3.87
CA ASN D 83 -10.06 16.56 3.68
C ASN D 83 -10.86 15.90 4.80
N LYS D 84 -10.47 14.69 5.20
CA LYS D 84 -11.17 14.01 6.28
C LYS D 84 -11.05 14.77 7.59
N ARG D 85 -9.99 15.55 7.77
CA ARG D 85 -9.80 16.29 9.01
C ARG D 85 -10.32 17.71 8.96
N THR D 86 -10.57 18.27 7.77
CA THR D 86 -11.12 19.61 7.66
C THR D 86 -12.51 19.64 7.04
N GLN D 87 -13.17 18.48 6.89
CA GLN D 87 -14.49 18.42 6.29
C GLN D 87 -15.43 19.50 6.81
N ASP D 88 -15.53 19.61 8.15
CA ASP D 88 -16.51 20.50 8.78
C ASP D 88 -16.46 21.91 8.22
N PHE D 89 -15.26 22.41 7.92
CA PHE D 89 -15.09 23.76 7.42
C PHE D 89 -15.91 23.97 6.14
N TRP D 90 -15.58 23.25 5.07
CA TRP D 90 -16.31 23.42 3.82
C TRP D 90 -17.69 22.79 3.86
N GLU D 91 -18.03 22.04 4.92
CA GLU D 91 -19.32 21.39 5.02
C GLU D 91 -20.38 22.27 5.68
N VAL D 92 -20.02 23.04 6.70
CA VAL D 92 -21.01 23.87 7.39
C VAL D 92 -20.69 25.35 7.29
N GLN D 93 -19.40 25.70 7.14
CA GLN D 93 -19.03 27.10 7.05
C GLN D 93 -19.51 27.71 5.75
N LEU D 94 -19.03 27.19 4.61
CA LEU D 94 -19.45 27.68 3.30
C LEU D 94 -19.45 26.48 2.35
N GLY D 95 -20.66 25.99 2.03
CA GLY D 95 -20.82 24.85 1.15
C GLY D 95 -21.69 25.19 -0.06
N ILE D 96 -21.90 24.17 -0.89
CA ILE D 96 -22.69 24.31 -2.11
C ILE D 96 -23.68 23.14 -2.17
N PRO D 97 -24.97 23.39 -2.36
CA PRO D 97 -25.94 22.29 -2.44
C PRO D 97 -25.79 21.47 -3.71
N HIS D 98 -26.59 20.42 -3.85
CA HIS D 98 -26.53 19.53 -5.01
C HIS D 98 -27.86 19.57 -5.75
N PRO D 99 -27.92 20.21 -6.92
CA PRO D 99 -29.16 20.18 -7.70
C PRO D 99 -29.46 18.79 -8.23
N ALA D 100 -30.73 18.59 -8.59
CA ALA D 100 -31.20 17.30 -9.08
C ALA D 100 -31.50 17.31 -10.58
N GLY D 101 -31.40 18.46 -11.24
CA GLY D 101 -31.74 18.55 -12.65
C GLY D 101 -30.68 18.04 -13.60
N LEU D 102 -29.43 17.89 -13.13
CA LEU D 102 -28.36 17.49 -14.04
C LEU D 102 -28.46 16.03 -14.44
N LYS D 103 -29.05 15.19 -13.59
CA LYS D 103 -29.17 13.77 -13.88
C LYS D 103 -30.35 13.45 -14.80
N LYS D 104 -31.02 14.46 -15.33
CA LYS D 104 -32.13 14.27 -16.26
C LYS D 104 -31.88 14.90 -17.62
N LYS D 105 -30.70 15.47 -17.85
CA LYS D 105 -30.38 16.08 -19.13
C LYS D 105 -29.87 15.01 -20.10
N LYS D 106 -29.42 15.45 -21.28
CA LYS D 106 -28.96 14.54 -22.33
C LYS D 106 -27.45 14.34 -22.32
N SER D 107 -26.68 15.43 -22.32
CA SER D 107 -25.23 15.36 -22.42
C SER D 107 -24.58 16.05 -21.23
N VAL D 108 -23.33 15.68 -20.97
CA VAL D 108 -22.53 16.29 -19.92
C VAL D 108 -21.07 16.17 -20.32
N THR D 109 -20.31 17.24 -20.09
CA THR D 109 -18.89 17.31 -20.46
C THR D 109 -18.08 17.69 -19.23
N VAL D 110 -16.99 16.94 -19.00
CA VAL D 110 -16.12 17.19 -17.85
C VAL D 110 -15.13 18.29 -18.19
N LEU D 111 -14.93 19.21 -17.25
CA LEU D 111 -13.98 20.30 -17.42
C LEU D 111 -13.11 20.41 -16.17
N ASP D 112 -11.91 20.93 -16.35
CA ASP D 112 -10.98 21.17 -15.25
C ASP D 112 -10.63 22.66 -15.17
N VAL D 113 -10.61 23.18 -13.95
CA VAL D 113 -10.38 24.59 -13.72
C VAL D 113 -9.22 24.79 -12.75
N GLY D 114 -8.27 23.84 -12.76
CA GLY D 114 -7.10 23.96 -11.90
C GLY D 114 -6.27 25.19 -12.20
N ASP D 115 -6.28 25.65 -13.46
CA ASP D 115 -5.58 26.88 -13.80
C ASP D 115 -6.16 28.09 -13.09
N ALA D 116 -7.46 28.07 -12.81
CA ALA D 116 -8.07 29.13 -12.02
C ALA D 116 -7.60 29.08 -10.57
N TYR D 117 -7.47 27.88 -10.02
CA TYR D 117 -6.94 27.75 -8.67
C TYR D 117 -5.48 28.15 -8.59
N PHE D 118 -4.74 28.03 -9.70
CA PHE D 118 -3.32 28.37 -9.74
C PHE D 118 -3.07 29.87 -9.90
N SER D 119 -4.08 30.72 -9.65
CA SER D 119 -3.92 32.16 -9.80
C SER D 119 -4.38 32.91 -8.55
N VAL D 120 -4.50 32.24 -7.41
CA VAL D 120 -4.94 32.88 -6.17
C VAL D 120 -3.98 32.51 -5.05
N PRO D 121 -3.46 33.47 -4.30
CA PRO D 121 -2.55 33.13 -3.20
C PRO D 121 -3.29 32.40 -2.08
N LEU D 122 -2.50 31.78 -1.20
CA LEU D 122 -3.02 31.01 -0.10
C LEU D 122 -2.48 31.57 1.21
N ASP D 123 -3.23 31.33 2.28
CA ASP D 123 -2.88 31.89 3.59
C ASP D 123 -1.51 31.41 4.05
N GLU D 124 -0.71 32.33 4.59
CA GLU D 124 0.65 31.98 5.00
C GLU D 124 0.65 31.05 6.21
N ASP D 125 -0.26 31.28 7.15
CA ASP D 125 -0.34 30.43 8.33
C ASP D 125 -0.88 29.03 8.02
N PHE D 126 -1.39 28.80 6.81
CA PHE D 126 -1.91 27.50 6.41
C PHE D 126 -0.96 26.73 5.51
N ARG D 127 0.08 27.37 4.97
CA ARG D 127 1.01 26.70 4.07
C ARG D 127 1.80 25.60 4.77
N LYS D 128 1.94 25.67 6.09
CA LYS D 128 2.69 24.66 6.84
C LYS D 128 1.95 23.33 6.95
N TYR D 129 0.75 23.22 6.39
CA TYR D 129 0.00 21.96 6.40
C TYR D 129 -0.10 21.31 5.03
N THR D 130 0.28 22.00 3.96
CA THR D 130 0.22 21.47 2.61
C THR D 130 1.60 21.20 2.03
N ALA D 131 2.57 20.96 2.90
CA ALA D 131 3.94 20.68 2.46
C ALA D 131 4.01 19.31 1.81
N PHE D 132 4.41 19.27 0.54
CA PHE D 132 4.52 18.04 -0.22
C PHE D 132 5.97 17.78 -0.57
N THR D 133 6.33 16.49 -0.61
CA THR D 133 7.70 16.07 -0.87
C THR D 133 7.72 15.08 -2.03
N ILE D 134 8.82 15.10 -2.78
CA ILE D 134 9.04 14.16 -3.88
C ILE D 134 10.06 13.13 -3.45
N PRO D 135 9.92 11.87 -3.84
CA PRO D 135 10.87 10.83 -3.44
C PRO D 135 12.14 10.90 -4.26
N SER D 136 13.09 10.02 -3.93
CA SER D 136 14.36 9.94 -4.63
C SER D 136 14.73 8.48 -4.84
N ILE D 137 15.59 8.25 -5.82
CA ILE D 137 16.00 6.89 -6.17
C ILE D 137 17.03 6.39 -5.18
N ASN D 138 16.83 5.17 -4.68
CA ASN D 138 17.75 4.47 -3.79
C ASN D 138 18.02 5.23 -2.50
N ASN D 139 17.18 6.22 -2.18
CA ASN D 139 17.32 7.03 -0.97
C ASN D 139 18.67 7.73 -0.86
N GLU D 140 19.40 7.82 -1.98
CA GLU D 140 20.71 8.48 -1.95
C GLU D 140 20.56 9.97 -1.66
N THR D 141 19.86 10.69 -2.53
CA THR D 141 19.63 12.11 -2.31
C THR D 141 18.46 12.30 -1.36
N PRO D 142 18.59 13.16 -0.35
CA PRO D 142 17.46 13.41 0.55
C PRO D 142 16.28 14.01 -0.20
N GLY D 143 15.10 13.84 0.38
CA GLY D 143 13.87 14.32 -0.22
C GLY D 143 13.84 15.81 -0.46
N ILE D 144 13.58 16.22 -1.70
CA ILE D 144 13.51 17.63 -2.05
C ILE D 144 12.13 18.16 -1.67
N ARG D 145 12.04 18.74 -0.47
CA ARG D 145 10.76 19.22 0.03
C ARG D 145 10.36 20.52 -0.65
N TYR D 146 9.05 20.79 -0.62
CA TYR D 146 8.49 22.00 -1.19
C TYR D 146 7.31 22.44 -0.32
N GLN D 147 6.75 23.60 -0.66
CA GLN D 147 5.60 24.13 0.07
C GLN D 147 4.74 24.93 -0.90
N TYR D 148 3.44 24.64 -0.92
CA TYR D 148 2.53 25.34 -1.81
C TYR D 148 2.43 26.81 -1.45
N ASN D 149 2.19 27.64 -2.46
CA ASN D 149 1.94 29.06 -2.27
C ASN D 149 0.61 29.52 -2.84
N VAL D 150 -0.07 28.67 -3.63
CA VAL D 150 -1.38 28.95 -4.17
C VAL D 150 -2.32 27.81 -3.79
N LEU D 151 -3.56 27.90 -4.25
CA LEU D 151 -4.55 26.89 -3.91
C LEU D 151 -4.21 25.58 -4.60
N PRO D 152 -4.16 24.46 -3.89
CA PRO D 152 -3.79 23.19 -4.53
C PRO D 152 -4.96 22.49 -5.18
N GLN D 153 -4.69 21.37 -5.85
CA GLN D 153 -5.71 20.57 -6.52
C GLN D 153 -5.88 19.27 -5.75
N GLY D 154 -7.09 19.07 -5.22
CA GLY D 154 -7.38 17.87 -4.44
C GLY D 154 -8.06 18.20 -3.13
N TRP D 155 -7.72 19.35 -2.55
CA TRP D 155 -8.32 19.80 -1.30
C TRP D 155 -9.60 20.56 -1.63
N LYS D 156 -10.74 20.03 -1.20
CA LYS D 156 -12.04 20.56 -1.57
C LYS D 156 -12.36 21.90 -0.91
N GLY D 157 -11.45 22.52 -0.16
CA GLY D 157 -11.70 23.86 0.33
C GLY D 157 -11.44 24.94 -0.70
N SER D 158 -10.56 24.68 -1.65
CA SER D 158 -10.28 25.67 -2.70
C SER D 158 -11.50 25.98 -3.56
N PRO D 159 -12.31 25.02 -4.01
CA PRO D 159 -13.56 25.41 -4.69
C PRO D 159 -14.55 26.07 -3.75
N ALA D 160 -14.58 25.65 -2.47
CA ALA D 160 -15.48 26.25 -1.50
C ALA D 160 -15.18 27.73 -1.30
N ILE D 161 -13.92 28.13 -1.45
CA ILE D 161 -13.56 29.54 -1.33
C ILE D 161 -13.46 30.25 -2.67
N PHE D 162 -13.41 29.52 -3.78
CA PHE D 162 -13.33 30.14 -5.10
C PHE D 162 -14.69 30.28 -5.78
N GLN D 163 -15.73 29.62 -5.27
CA GLN D 163 -17.02 29.62 -5.94
C GLN D 163 -17.58 31.02 -6.15
N SER D 164 -17.22 31.96 -5.27
CA SER D 164 -17.67 33.34 -5.42
C SER D 164 -17.21 33.92 -6.76
N SER D 165 -15.89 34.00 -6.96
CA SER D 165 -15.37 34.50 -8.23
C SER D 165 -15.74 33.58 -9.39
N MET D 166 -15.92 32.28 -9.14
CA MET D 166 -16.32 31.38 -10.20
C MET D 166 -17.68 31.77 -10.77
N THR D 167 -18.68 31.90 -9.90
CA THR D 167 -20.00 32.34 -10.34
C THR D 167 -19.97 33.77 -10.87
N LYS D 168 -19.13 34.64 -10.29
CA LYS D 168 -19.01 36.00 -10.82
C LYS D 168 -18.51 36.00 -12.25
N ILE D 169 -17.63 35.06 -12.60
CA ILE D 169 -17.11 35.00 -13.96
C ILE D 169 -18.08 34.29 -14.89
N LEU D 170 -18.80 33.28 -14.39
CA LEU D 170 -19.71 32.54 -15.25
C LEU D 170 -21.08 33.20 -15.42
N GLU D 171 -21.40 34.21 -14.62
CA GLU D 171 -22.70 34.87 -14.77
C GLU D 171 -22.92 35.52 -16.14
N PRO D 172 -21.98 36.27 -16.72
CA PRO D 172 -22.28 36.98 -17.97
C PRO D 172 -22.78 36.08 -19.10
N PHE D 173 -22.33 34.83 -19.16
CA PHE D 173 -22.72 33.93 -20.24
C PHE D 173 -23.83 32.97 -19.86
N LYS D 174 -24.00 32.67 -18.56
CA LYS D 174 -25.03 31.73 -18.14
C LYS D 174 -26.41 32.35 -18.08
N LYS D 175 -26.51 33.68 -18.22
CA LYS D 175 -27.82 34.33 -18.21
C LYS D 175 -28.59 34.03 -19.49
N GLN D 176 -27.92 34.09 -20.65
CA GLN D 176 -28.58 33.81 -21.92
C GLN D 176 -28.93 32.34 -22.09
N ASN D 177 -28.35 31.46 -21.28
CA ASN D 177 -28.62 30.02 -21.34
C ASN D 177 -29.26 29.60 -20.03
N PRO D 178 -30.60 29.71 -19.92
CA PRO D 178 -31.24 29.31 -18.65
C PRO D 178 -31.21 27.81 -18.40
N ASP D 179 -31.14 26.99 -19.45
CA ASP D 179 -31.16 25.55 -19.29
C ASP D 179 -29.81 24.97 -18.86
N ILE D 180 -28.75 25.78 -18.87
CA ILE D 180 -27.43 25.27 -18.50
C ILE D 180 -27.36 25.03 -17.00
N VAL D 181 -26.56 24.04 -16.61
CA VAL D 181 -26.34 23.71 -15.21
C VAL D 181 -24.85 23.65 -14.96
N ILE D 182 -24.42 24.18 -13.82
CA ILE D 182 -23.00 24.21 -13.46
C ILE D 182 -22.86 23.60 -12.06
N TYR D 183 -22.04 22.55 -11.95
CA TYR D 183 -21.79 21.89 -10.69
C TYR D 183 -20.30 21.61 -10.56
N GLN D 184 -19.70 22.09 -9.47
CA GLN D 184 -18.27 21.91 -9.21
C GLN D 184 -18.09 21.38 -7.80
N TYR D 185 -18.15 20.06 -7.64
CA TYR D 185 -17.88 19.46 -6.34
C TYR D 185 -16.39 19.51 -6.00
N MET D 186 -15.53 19.52 -7.01
CA MET D 186 -14.09 19.54 -6.83
C MET D 186 -13.49 20.31 -7.99
N ASP D 187 -12.18 20.12 -8.22
CA ASP D 187 -11.52 20.77 -9.34
C ASP D 187 -12.19 20.45 -10.68
N ASP D 188 -12.90 19.33 -10.77
CA ASP D 188 -13.65 19.01 -11.97
C ASP D 188 -14.81 19.99 -12.16
N LEU D 189 -15.35 20.01 -13.38
CA LEU D 189 -16.45 20.92 -13.72
C LEU D 189 -17.35 20.22 -14.73
N TYR D 190 -18.62 20.08 -14.37
CA TYR D 190 -19.62 19.46 -15.22
C TYR D 190 -20.62 20.49 -15.71
N VAL D 191 -21.18 20.24 -16.89
CA VAL D 191 -22.15 21.14 -17.52
C VAL D 191 -23.42 20.37 -17.81
N GLY D 192 -24.56 21.01 -17.58
CA GLY D 192 -25.85 20.41 -17.82
C GLY D 192 -26.47 20.92 -19.10
N SER D 193 -26.69 20.01 -20.04
CA SER D 193 -27.27 20.38 -21.33
C SER D 193 -28.13 19.23 -21.83
N ASP D 194 -29.31 19.56 -22.36
CA ASP D 194 -30.24 18.60 -22.91
C ASP D 194 -30.53 18.89 -24.37
N LEU D 195 -29.49 19.19 -25.14
CA LEU D 195 -29.60 19.52 -26.56
C LEU D 195 -28.92 18.44 -27.38
N GLU D 196 -28.90 18.67 -28.70
CA GLU D 196 -28.27 17.73 -29.61
C GLU D 196 -26.75 17.74 -29.45
N ILE D 197 -26.10 16.78 -30.11
CA ILE D 197 -24.65 16.66 -29.97
C ILE D 197 -23.95 17.87 -30.58
N GLY D 198 -24.46 18.37 -31.70
CA GLY D 198 -23.83 19.53 -32.32
C GLY D 198 -24.02 20.80 -31.50
N GLN D 199 -25.25 21.03 -31.03
CA GLN D 199 -25.50 22.17 -30.16
C GLN D 199 -24.66 22.08 -28.89
N HIS D 200 -24.58 20.88 -28.30
CA HIS D 200 -23.75 20.73 -27.11
C HIS D 200 -22.28 20.99 -27.42
N ARG D 201 -21.81 20.61 -28.61
CA ARG D 201 -20.43 20.87 -28.99
C ARG D 201 -20.18 22.37 -29.08
N THR D 202 -21.10 23.08 -29.75
CA THR D 202 -20.96 24.52 -29.88
C THR D 202 -20.99 25.21 -28.53
N LYS D 203 -21.92 24.81 -27.66
CA LYS D 203 -22.01 25.42 -26.34
C LYS D 203 -20.77 25.13 -25.50
N ILE D 204 -20.22 23.91 -25.60
CA ILE D 204 -19.07 23.59 -24.77
C ILE D 204 -17.82 24.29 -25.29
N GLU D 205 -17.72 24.52 -26.61
CA GLU D 205 -16.60 25.30 -27.10
C GLU D 205 -16.76 26.78 -26.78
N GLU D 206 -18.01 27.26 -26.71
CA GLU D 206 -18.25 28.61 -26.22
C GLU D 206 -17.82 28.76 -24.77
N LEU D 207 -18.14 27.77 -23.94
CA LEU D 207 -17.69 27.81 -22.55
C LEU D 207 -16.19 27.67 -22.43
N ARG D 208 -15.56 26.91 -23.33
CA ARG D 208 -14.10 26.84 -23.34
C ARG D 208 -13.49 28.20 -23.66
N GLN D 209 -14.05 28.90 -24.65
CA GLN D 209 -13.60 30.26 -24.93
C GLN D 209 -13.81 31.17 -23.73
N HIS D 210 -14.98 31.07 -23.08
CA HIS D 210 -15.27 31.90 -21.91
C HIS D 210 -14.27 31.66 -20.78
N LEU D 211 -13.85 30.41 -20.60
CA LEU D 211 -12.90 30.11 -19.53
C LEU D 211 -11.47 30.49 -19.92
N LEU D 212 -11.11 30.32 -21.18
CA LEU D 212 -9.78 30.73 -21.64
C LEU D 212 -9.66 32.25 -21.74
N ARG D 213 -10.77 32.98 -21.71
CA ARG D 213 -10.71 34.44 -21.63
C ARG D 213 -9.84 34.93 -20.49
N TRP D 214 -9.76 34.16 -19.40
CA TRP D 214 -8.94 34.51 -18.25
C TRP D 214 -7.70 33.64 -18.14
N GLY D 215 -7.23 33.08 -19.25
CA GLY D 215 -6.02 32.29 -19.25
C GLY D 215 -6.18 30.94 -18.58
N LEU D 216 -7.01 30.07 -19.14
CA LEU D 216 -7.23 28.72 -18.64
C LEU D 216 -6.93 27.74 -19.77
N THR D 217 -5.76 27.13 -19.74
CA THR D 217 -5.35 26.17 -20.78
C THR D 217 -6.11 24.87 -20.58
N THR D 218 -7.18 24.69 -21.35
CA THR D 218 -8.03 23.50 -21.26
C THR D 218 -8.21 22.91 -22.65
N PRO D 219 -7.63 21.72 -22.93
CA PRO D 219 -7.75 21.07 -24.24
C PRO D 219 -9.14 20.51 -24.49
N GLY D 233 -16.52 9.23 -19.85
CA GLY D 233 -15.20 9.81 -20.09
C GLY D 233 -15.25 11.30 -20.33
N TYR D 234 -14.90 11.71 -21.56
CA TYR D 234 -14.91 13.13 -21.90
C TYR D 234 -16.35 13.65 -22.00
N GLU D 235 -17.19 12.97 -22.76
CA GLU D 235 -18.59 13.35 -22.92
C GLU D 235 -19.46 12.15 -22.54
N LEU D 236 -20.15 12.26 -21.41
CA LEU D 236 -20.97 11.18 -20.87
C LEU D 236 -22.44 11.48 -21.10
N HIS D 237 -23.26 10.44 -20.92
CA HIS D 237 -24.71 10.56 -21.11
C HIS D 237 -25.40 9.96 -19.88
N PRO D 238 -26.19 10.75 -19.14
CA PRO D 238 -26.88 10.21 -17.97
C PRO D 238 -28.18 9.48 -18.29
N ASP D 239 -28.74 9.66 -19.49
CA ASP D 239 -30.01 9.03 -19.83
C ASP D 239 -29.88 7.52 -20.00
N LYS D 240 -28.68 7.02 -20.29
CA LYS D 240 -28.46 5.59 -20.50
C LYS D 240 -28.20 4.84 -19.20
N TRP D 241 -28.59 5.40 -18.06
CA TRP D 241 -28.39 4.79 -16.75
C TRP D 241 -29.74 4.32 -16.23
N THR D 242 -30.07 3.06 -16.51
CA THR D 242 -31.30 2.44 -16.03
C THR D 242 -30.97 1.35 -15.02
N VAL D 243 -31.90 1.13 -14.08
CA VAL D 243 -31.70 0.12 -13.05
C VAL D 243 -31.90 -1.26 -13.67
N GLN D 244 -30.88 -2.11 -13.54
CA GLN D 244 -30.94 -3.48 -14.06
C GLN D 244 -31.12 -4.44 -12.90
N PRO D 245 -32.34 -4.91 -12.61
CA PRO D 245 -32.54 -5.81 -11.47
C PRO D 245 -32.03 -7.21 -11.73
N ILE D 246 -32.25 -8.11 -10.77
CA ILE D 246 -31.81 -9.49 -10.92
C ILE D 246 -32.65 -10.18 -12.00
N VAL D 247 -31.97 -10.84 -12.94
CA VAL D 247 -32.62 -11.55 -14.03
C VAL D 247 -32.38 -13.04 -13.84
N LEU D 248 -33.43 -13.84 -14.03
CA LEU D 248 -33.35 -15.29 -13.89
C LEU D 248 -33.45 -15.97 -15.24
N PRO D 249 -32.83 -17.14 -15.40
CA PRO D 249 -32.92 -17.85 -16.68
C PRO D 249 -34.29 -18.50 -16.85
N GLU D 250 -34.74 -18.57 -18.10
CA GLU D 250 -36.03 -19.13 -18.47
C GLU D 250 -35.81 -20.13 -19.59
N LYS D 251 -35.62 -21.39 -19.22
CA LYS D 251 -35.42 -22.48 -20.18
C LYS D 251 -36.36 -23.63 -19.85
N ASP D 252 -36.75 -24.37 -20.89
CA ASP D 252 -37.66 -25.49 -20.69
C ASP D 252 -37.01 -26.60 -19.86
N SER D 253 -35.69 -26.74 -19.93
CA SER D 253 -34.98 -27.74 -19.15
C SER D 253 -34.69 -27.18 -17.76
N TRP D 254 -35.11 -27.92 -16.73
CA TRP D 254 -34.93 -27.50 -15.34
C TRP D 254 -34.33 -28.68 -14.57
N THR D 255 -33.01 -28.73 -14.52
CA THR D 255 -32.31 -29.76 -13.76
C THR D 255 -32.32 -29.40 -12.28
N VAL D 256 -31.84 -30.35 -11.45
CA VAL D 256 -31.81 -30.12 -10.02
C VAL D 256 -30.78 -29.05 -9.66
N ASN D 257 -29.68 -28.98 -10.41
CA ASN D 257 -28.68 -27.95 -10.15
C ASN D 257 -29.25 -26.55 -10.43
N ASP D 258 -30.02 -26.42 -11.50
CA ASP D 258 -30.62 -25.13 -11.84
C ASP D 258 -31.58 -24.68 -10.74
N ILE D 259 -32.46 -25.57 -10.30
CA ILE D 259 -33.43 -25.19 -9.28
C ILE D 259 -32.75 -24.96 -7.94
N GLN D 260 -31.63 -25.65 -7.68
CA GLN D 260 -30.87 -25.42 -6.46
C GLN D 260 -30.25 -24.03 -6.48
N LYS D 261 -29.61 -23.65 -7.59
CA LYS D 261 -29.07 -22.30 -7.72
C LYS D 261 -30.19 -21.26 -7.62
N LEU D 262 -31.36 -21.58 -8.18
CA LEU D 262 -32.49 -20.65 -8.12
C LEU D 262 -32.95 -20.43 -6.68
N VAL D 263 -33.14 -21.52 -5.93
CA VAL D 263 -33.64 -21.39 -4.57
C VAL D 263 -32.59 -20.70 -3.69
N GLY D 264 -31.30 -20.98 -3.94
CA GLY D 264 -30.26 -20.27 -3.20
C GLY D 264 -30.28 -18.77 -3.48
N LYS D 265 -30.37 -18.41 -4.76
CA LYS D 265 -30.41 -17.00 -5.14
C LYS D 265 -31.62 -16.30 -4.53
N LEU D 266 -32.79 -16.95 -4.56
CA LEU D 266 -33.97 -16.29 -4.04
C LEU D 266 -33.97 -16.23 -2.51
N ASN D 267 -33.40 -17.25 -1.85
CA ASN D 267 -33.26 -17.18 -0.41
C ASN D 267 -32.31 -16.07 0.00
N TRP D 268 -31.28 -15.81 -0.79
CA TRP D 268 -30.40 -14.68 -0.50
C TRP D 268 -31.09 -13.35 -0.78
N ALA D 269 -31.85 -13.27 -1.88
CA ALA D 269 -32.53 -12.04 -2.26
C ALA D 269 -33.76 -11.75 -1.41
N SER D 270 -34.21 -12.71 -0.60
CA SER D 270 -35.34 -12.47 0.29
C SER D 270 -35.10 -11.27 1.20
N GLN D 271 -33.84 -11.00 1.54
CA GLN D 271 -33.54 -9.79 2.31
C GLN D 271 -33.77 -8.54 1.48
N ILE D 272 -33.52 -8.60 0.18
CA ILE D 272 -33.80 -7.47 -0.70
C ILE D 272 -35.29 -7.37 -0.99
N TYR D 273 -35.87 -8.45 -1.53
CA TYR D 273 -37.30 -8.50 -1.82
C TYR D 273 -38.01 -9.20 -0.68
N PRO D 274 -38.76 -8.49 0.18
CA PRO D 274 -39.39 -9.13 1.34
C PRO D 274 -40.44 -10.16 0.95
N GLY D 275 -41.33 -9.79 0.02
CA GLY D 275 -42.44 -10.64 -0.35
C GLY D 275 -42.05 -11.78 -1.26
N ILE D 276 -41.11 -12.62 -0.84
CA ILE D 276 -40.67 -13.77 -1.61
C ILE D 276 -40.68 -14.98 -0.69
N LYS D 277 -41.29 -16.08 -1.13
CA LYS D 277 -41.40 -17.30 -0.36
C LYS D 277 -40.84 -18.46 -1.16
N VAL D 278 -40.64 -19.58 -0.47
CA VAL D 278 -40.05 -20.78 -1.06
C VAL D 278 -41.05 -21.91 -0.87
N ARG D 279 -42.34 -21.57 -0.84
CA ARG D 279 -43.38 -22.54 -0.51
C ARG D 279 -43.46 -23.64 -1.58
N GLN D 280 -43.76 -23.26 -2.82
CA GLN D 280 -43.93 -24.24 -3.88
C GLN D 280 -42.60 -24.81 -4.37
N LEU D 281 -41.53 -24.03 -4.31
CA LEU D 281 -40.24 -24.48 -4.81
C LEU D 281 -39.63 -25.56 -3.93
N SER D 282 -39.93 -25.55 -2.62
CA SER D 282 -39.39 -26.53 -1.69
C SER D 282 -40.11 -27.87 -1.75
N LYS D 283 -41.11 -28.02 -2.62
CA LYS D 283 -41.88 -29.26 -2.72
C LYS D 283 -41.37 -30.19 -3.83
N LEU D 284 -40.94 -29.64 -4.96
CA LEU D 284 -40.48 -30.47 -6.07
C LEU D 284 -39.18 -31.18 -5.72
N LEU D 285 -38.26 -30.49 -5.07
CA LEU D 285 -36.95 -31.05 -4.73
C LEU D 285 -36.97 -31.85 -3.43
N ARG D 286 -38.15 -32.15 -2.88
CA ARG D 286 -38.22 -32.90 -1.63
C ARG D 286 -37.72 -34.33 -1.79
N GLY D 287 -37.98 -34.94 -2.94
CA GLY D 287 -37.52 -36.30 -3.18
C GLY D 287 -36.02 -36.35 -3.36
N THR D 288 -35.33 -37.13 -2.53
CA THR D 288 -33.88 -37.25 -2.63
C THR D 288 -33.52 -38.02 -3.90
N LYS D 289 -33.00 -37.30 -4.89
CA LYS D 289 -32.64 -37.90 -6.18
C LYS D 289 -31.28 -37.36 -6.59
N ALA D 290 -30.91 -37.63 -7.84
CA ALA D 290 -29.63 -37.18 -8.37
C ALA D 290 -29.74 -35.71 -8.80
N LEU D 291 -28.74 -35.23 -9.52
CA LEU D 291 -28.68 -33.83 -9.93
C LEU D 291 -28.88 -33.61 -11.43
N THR D 292 -28.39 -34.53 -12.27
CA THR D 292 -28.46 -34.35 -13.70
C THR D 292 -29.86 -34.58 -14.26
N GLU D 293 -30.75 -35.20 -13.49
CA GLU D 293 -32.07 -35.52 -13.99
C GLU D 293 -32.94 -34.28 -14.10
N VAL D 294 -34.00 -34.38 -14.90
CA VAL D 294 -34.96 -33.31 -15.11
C VAL D 294 -36.22 -33.60 -14.30
N ILE D 295 -36.80 -32.57 -13.72
CA ILE D 295 -38.00 -32.69 -12.90
C ILE D 295 -39.10 -31.87 -13.55
N PRO D 296 -40.31 -32.41 -13.70
CA PRO D 296 -41.40 -31.65 -14.32
C PRO D 296 -41.84 -30.50 -13.41
N LEU D 297 -41.80 -29.28 -13.94
CA LEU D 297 -42.19 -28.09 -13.18
C LEU D 297 -43.70 -27.97 -13.16
N THR D 298 -44.29 -28.05 -11.97
CA THR D 298 -45.73 -27.92 -11.83
C THR D 298 -46.15 -26.47 -12.04
N GLU D 299 -47.47 -26.28 -12.25
CA GLU D 299 -47.98 -24.94 -12.52
C GLU D 299 -47.95 -24.05 -11.28
N GLU D 300 -48.04 -24.64 -10.09
CA GLU D 300 -47.97 -23.85 -8.86
C GLU D 300 -46.58 -23.26 -8.67
N ALA D 301 -45.54 -24.09 -8.81
CA ALA D 301 -44.18 -23.58 -8.77
C ALA D 301 -43.92 -22.62 -9.93
N GLU D 302 -44.50 -22.90 -11.10
CA GLU D 302 -44.39 -21.97 -12.21
C GLU D 302 -45.09 -20.65 -11.90
N LEU D 303 -46.22 -20.70 -11.19
CA LEU D 303 -46.91 -19.48 -10.80
C LEU D 303 -46.07 -18.67 -9.83
N GLU D 304 -45.45 -19.33 -8.85
CA GLU D 304 -44.59 -18.62 -7.91
C GLU D 304 -43.36 -18.05 -8.61
N LEU D 305 -42.83 -18.78 -9.60
CA LEU D 305 -41.69 -18.27 -10.36
C LEU D 305 -42.07 -17.05 -11.17
N ALA D 306 -43.26 -17.06 -11.79
CA ALA D 306 -43.72 -15.89 -12.53
C ALA D 306 -43.96 -14.71 -11.59
N GLU D 307 -44.47 -14.98 -10.38
CA GLU D 307 -44.64 -13.92 -9.39
C GLU D 307 -43.31 -13.30 -9.02
N ASN D 308 -42.31 -14.14 -8.74
CA ASN D 308 -40.98 -13.63 -8.41
C ASN D 308 -40.37 -12.87 -9.58
N ARG D 309 -40.65 -13.30 -10.81
CA ARG D 309 -40.12 -12.62 -11.99
C ARG D 309 -40.72 -11.23 -12.12
N GLU D 310 -42.05 -11.13 -11.99
CA GLU D 310 -42.69 -9.82 -12.12
C GLU D 310 -42.45 -8.92 -10.93
N ILE D 311 -42.13 -9.48 -9.75
CA ILE D 311 -41.73 -8.61 -8.64
C ILE D 311 -40.29 -8.15 -8.81
N LEU D 312 -39.44 -8.98 -9.41
CA LEU D 312 -38.01 -8.65 -9.52
C LEU D 312 -37.81 -7.41 -10.39
N LYS D 313 -38.52 -7.31 -11.51
CA LYS D 313 -38.35 -6.17 -12.40
C LYS D 313 -38.79 -4.87 -11.73
N GLU D 314 -39.68 -4.95 -10.76
CA GLU D 314 -40.09 -3.75 -10.03
C GLU D 314 -38.95 -3.27 -9.14
N PRO D 315 -38.60 -1.98 -9.17
CA PRO D 315 -37.50 -1.51 -8.32
C PRO D 315 -37.83 -1.62 -6.85
N VAL D 316 -36.84 -2.05 -6.06
CA VAL D 316 -37.02 -2.22 -4.62
C VAL D 316 -37.33 -0.88 -4.00
N HIS D 317 -38.53 -0.75 -3.44
CA HIS D 317 -38.93 0.50 -2.79
C HIS D 317 -38.39 0.56 -1.37
N GLY D 318 -38.47 1.76 -0.78
CA GLY D 318 -38.00 1.99 0.56
C GLY D 318 -36.54 2.38 0.67
N VAL D 319 -35.80 2.43 -0.44
CA VAL D 319 -34.39 2.79 -0.46
C VAL D 319 -34.30 4.26 -0.81
N TYR D 320 -33.97 5.09 0.18
CA TYR D 320 -33.82 6.52 0.01
C TYR D 320 -32.34 6.89 0.00
N TYR D 321 -32.06 8.19 -0.05
CA TYR D 321 -30.69 8.71 -0.05
C TYR D 321 -30.50 9.59 1.17
N ASP D 322 -29.63 9.17 2.07
CA ASP D 322 -29.36 9.93 3.29
C ASP D 322 -28.24 10.93 3.01
N PRO D 323 -28.50 12.23 3.05
CA PRO D 323 -27.44 13.22 2.79
C PRO D 323 -26.49 13.44 3.95
N SER D 324 -26.56 12.62 5.00
CA SER D 324 -25.69 12.75 6.18
C SER D 324 -24.73 11.59 6.33
N LYS D 325 -25.19 10.35 6.17
CA LYS D 325 -24.34 9.19 6.32
C LYS D 325 -23.38 9.08 5.14
N ASP D 326 -22.48 8.10 5.24
CA ASP D 326 -21.49 7.87 4.20
C ASP D 326 -22.03 6.91 3.14
N LEU D 327 -21.28 6.76 2.06
CA LEU D 327 -21.66 5.90 0.94
C LEU D 327 -20.70 4.71 0.85
N ILE D 328 -21.23 3.58 0.38
CA ILE D 328 -20.45 2.37 0.19
C ILE D 328 -20.81 1.80 -1.18
N ALA D 329 -19.80 1.59 -2.01
CA ALA D 329 -19.97 1.08 -3.38
C ALA D 329 -19.05 -0.12 -3.55
N GLU D 330 -19.58 -1.32 -3.32
CA GLU D 330 -18.81 -2.53 -3.49
C GLU D 330 -18.75 -2.92 -4.97
N ILE D 331 -17.65 -3.55 -5.36
CA ILE D 331 -17.41 -3.97 -6.73
C ILE D 331 -16.81 -5.37 -6.71
N GLN D 332 -17.21 -6.20 -7.66
CA GLN D 332 -16.73 -7.57 -7.78
C GLN D 332 -16.37 -7.86 -9.23
N LYS D 333 -15.73 -9.01 -9.45
CA LYS D 333 -15.29 -9.42 -10.77
C LYS D 333 -15.82 -10.82 -11.05
N GLN D 334 -16.53 -10.97 -12.17
CA GLN D 334 -17.08 -12.27 -12.55
C GLN D 334 -16.18 -13.03 -13.51
N GLY D 335 -15.46 -12.32 -14.37
CA GLY D 335 -14.59 -12.95 -15.35
C GLY D 335 -14.85 -12.39 -16.74
N GLN D 336 -13.80 -12.39 -17.56
CA GLN D 336 -13.85 -11.86 -18.93
C GLN D 336 -14.31 -10.41 -18.95
N GLY D 337 -13.94 -9.64 -17.92
CA GLY D 337 -14.32 -8.25 -17.85
C GLY D 337 -15.71 -7.97 -17.34
N GLN D 338 -16.44 -8.99 -16.88
CA GLN D 338 -17.79 -8.82 -16.36
C GLN D 338 -17.68 -8.25 -14.95
N TRP D 339 -17.58 -6.93 -14.86
CA TRP D 339 -17.46 -6.23 -13.59
C TRP D 339 -18.84 -5.78 -13.13
N THR D 340 -19.26 -6.24 -11.95
CA THR D 340 -20.51 -5.82 -11.34
C THR D 340 -20.23 -4.89 -10.17
N TYR D 341 -21.22 -4.08 -9.82
CA TYR D 341 -21.07 -3.08 -8.77
C TYR D 341 -22.43 -2.76 -8.18
N GLN D 342 -22.46 -2.61 -6.85
CA GLN D 342 -23.66 -2.23 -6.13
C GLN D 342 -23.34 -1.10 -5.17
N ILE D 343 -24.26 -0.13 -5.08
CA ILE D 343 -24.10 1.02 -4.20
C ILE D 343 -25.20 0.98 -3.15
N TYR D 344 -24.85 1.25 -1.90
CA TYR D 344 -25.80 1.19 -0.80
C TYR D 344 -25.26 1.98 0.38
N GLN D 345 -26.17 2.66 1.09
CA GLN D 345 -25.82 3.33 2.33
C GLN D 345 -25.97 2.44 3.55
N GLU D 346 -26.71 1.35 3.43
CA GLU D 346 -26.95 0.41 4.50
C GLU D 346 -26.88 -1.01 3.94
N PRO D 347 -26.54 -2.00 4.76
CA PRO D 347 -26.47 -3.38 4.28
C PRO D 347 -27.81 -3.84 3.71
N PHE D 348 -27.77 -4.38 2.49
CA PHE D 348 -28.90 -4.90 1.74
C PHE D 348 -29.86 -3.80 1.28
N LYS D 349 -29.60 -2.54 1.61
CA LYS D 349 -30.42 -1.42 1.16
C LYS D 349 -29.76 -0.77 -0.06
N ASN D 350 -29.77 -1.51 -1.17
CA ASN D 350 -29.13 -1.05 -2.39
C ASN D 350 -29.84 0.17 -2.96
N LEU D 351 -29.06 1.12 -3.45
CA LEU D 351 -29.59 2.33 -4.08
C LEU D 351 -29.50 2.33 -5.60
N LYS D 352 -28.46 1.71 -6.16
CA LYS D 352 -28.28 1.71 -7.61
C LYS D 352 -27.35 0.57 -7.99
N THR D 353 -27.75 -0.21 -8.99
CA THR D 353 -26.97 -1.31 -9.52
C THR D 353 -26.64 -1.05 -10.99
N GLY D 354 -26.02 -2.04 -11.62
CA GLY D 354 -25.65 -1.91 -13.01
C GLY D 354 -24.63 -2.96 -13.41
N LYS D 355 -24.10 -2.79 -14.62
CA LYS D 355 -23.11 -3.70 -15.16
C LYS D 355 -22.04 -2.90 -15.88
N TYR D 356 -20.89 -3.54 -16.10
CA TYR D 356 -19.76 -2.89 -16.74
C TYR D 356 -18.86 -3.98 -17.34
N ALA D 357 -18.81 -4.04 -18.67
CA ALA D 357 -18.04 -5.07 -19.35
C ALA D 357 -17.72 -4.59 -20.76
N ARG D 358 -16.83 -5.33 -21.43
CA ARG D 358 -16.44 -5.08 -22.82
C ARG D 358 -15.85 -3.67 -22.98
N MET D 359 -14.71 -3.46 -22.33
CA MET D 359 -13.98 -2.20 -22.47
C MET D 359 -12.93 -2.30 -23.56
N ASN D 365 -4.43 -6.69 -19.66
CA ASN D 365 -4.29 -6.06 -18.34
C ASN D 365 -5.53 -6.30 -17.48
N ASP D 366 -5.31 -6.44 -16.17
CA ASP D 366 -6.40 -6.69 -15.24
C ASP D 366 -6.71 -5.52 -14.32
N VAL D 367 -5.78 -4.57 -14.17
CA VAL D 367 -6.01 -3.42 -13.31
C VAL D 367 -6.53 -2.20 -14.06
N LYS D 368 -6.30 -2.12 -15.38
CA LYS D 368 -6.83 -1.00 -16.15
C LYS D 368 -8.35 -1.03 -16.17
N GLN D 369 -8.94 -2.20 -16.38
CA GLN D 369 -10.40 -2.31 -16.38
C GLN D 369 -10.97 -1.99 -15.01
N LEU D 370 -10.29 -2.41 -13.94
CA LEU D 370 -10.77 -2.09 -12.60
C LEU D 370 -10.70 -0.59 -12.34
N THR D 371 -9.62 0.07 -12.75
CA THR D 371 -9.53 1.51 -12.58
C THR D 371 -10.60 2.23 -13.38
N GLU D 372 -10.86 1.77 -14.61
CA GLU D 372 -11.91 2.39 -15.42
C GLU D 372 -13.28 2.19 -14.79
N ALA D 373 -13.51 1.02 -14.19
CA ALA D 373 -14.79 0.73 -13.55
C ALA D 373 -14.99 1.62 -12.33
N VAL D 374 -13.99 1.72 -11.46
CA VAL D 374 -14.14 2.55 -10.28
C VAL D 374 -14.24 4.02 -10.68
N GLN D 375 -13.57 4.44 -11.75
CA GLN D 375 -13.69 5.81 -12.23
C GLN D 375 -15.11 6.10 -12.69
N LYS D 376 -15.69 5.19 -13.49
CA LYS D 376 -17.06 5.38 -13.93
C LYS D 376 -18.02 5.40 -12.75
N ILE D 377 -17.81 4.50 -11.78
CA ILE D 377 -18.69 4.43 -10.62
C ILE D 377 -18.67 5.74 -9.84
N THR D 378 -17.46 6.24 -9.56
CA THR D 378 -17.37 7.46 -8.76
C THR D 378 -17.85 8.67 -9.54
N THR D 379 -17.66 8.68 -10.87
CA THR D 379 -18.18 9.78 -11.68
C THR D 379 -19.70 9.79 -11.66
N GLU D 380 -20.32 8.62 -11.78
CA GLU D 380 -21.78 8.55 -11.73
C GLU D 380 -22.30 8.96 -10.35
N SER D 381 -21.64 8.51 -9.28
CA SER D 381 -22.09 8.88 -7.94
C SER D 381 -21.89 10.38 -7.69
N ILE D 382 -20.89 10.98 -8.31
CA ILE D 382 -20.68 12.42 -8.16
C ILE D 382 -21.75 13.20 -8.91
N VAL D 383 -22.01 12.82 -10.17
CA VAL D 383 -23.00 13.53 -10.96
C VAL D 383 -24.43 13.22 -10.53
N ILE D 384 -24.63 12.21 -9.70
CA ILE D 384 -25.95 11.87 -9.19
C ILE D 384 -26.19 12.47 -7.81
N TRP D 385 -25.28 12.22 -6.86
CA TRP D 385 -25.42 12.70 -5.50
C TRP D 385 -24.39 13.74 -5.11
N GLY D 386 -23.14 13.59 -5.55
CA GLY D 386 -22.10 14.54 -5.23
C GLY D 386 -21.38 14.23 -3.93
N LYS D 387 -20.88 13.00 -3.82
CA LYS D 387 -20.12 12.58 -2.64
C LYS D 387 -19.30 11.36 -3.01
N THR D 388 -17.98 11.45 -2.82
CA THR D 388 -17.07 10.35 -3.14
C THR D 388 -17.37 9.13 -2.27
N PRO D 389 -17.82 8.03 -2.87
CA PRO D 389 -18.17 6.86 -2.08
C PRO D 389 -16.96 6.00 -1.76
N LYS D 390 -16.99 5.40 -0.57
CA LYS D 390 -15.94 4.48 -0.17
C LYS D 390 -16.05 3.18 -0.96
N PHE D 391 -14.91 2.63 -1.35
CA PHE D 391 -14.86 1.45 -2.20
C PHE D 391 -14.35 0.24 -1.43
N LYS D 392 -14.72 -0.94 -1.93
CA LYS D 392 -14.25 -2.21 -1.39
C LYS D 392 -13.74 -3.03 -2.58
N LEU D 393 -12.45 -2.96 -2.85
CA LEU D 393 -11.96 -3.61 -4.05
C LEU D 393 -11.52 -5.04 -3.76
N PRO D 394 -11.85 -5.98 -4.63
CA PRO D 394 -11.44 -7.39 -4.44
C PRO D 394 -10.03 -7.63 -5.00
N ILE D 395 -9.04 -7.05 -4.33
CA ILE D 395 -7.65 -7.13 -4.77
C ILE D 395 -6.75 -6.98 -3.55
N GLN D 396 -5.57 -7.59 -3.61
CA GLN D 396 -4.61 -7.48 -2.52
C GLN D 396 -4.17 -6.03 -2.36
N LYS D 397 -3.72 -5.70 -1.14
CA LYS D 397 -3.39 -4.32 -0.82
C LYS D 397 -2.12 -3.86 -1.54
N GLU D 398 -1.05 -4.65 -1.48
CA GLU D 398 0.23 -4.21 -2.03
C GLU D 398 0.18 -4.09 -3.55
N THR D 399 -0.43 -5.07 -4.24
CA THR D 399 -0.45 -5.04 -5.70
C THR D 399 -1.14 -3.77 -6.21
N TRP D 400 -2.35 -3.50 -5.70
CA TRP D 400 -3.08 -2.31 -6.16
C TRP D 400 -2.40 -1.03 -5.69
N GLU D 401 -1.86 -1.03 -4.46
CA GLU D 401 -1.16 0.16 -3.97
C GLU D 401 0.04 0.49 -4.83
N THR D 402 0.66 -0.51 -5.46
CA THR D 402 1.80 -0.26 -6.33
C THR D 402 1.41 0.00 -7.78
N TRP D 403 0.29 -0.54 -8.25
CA TRP D 403 -0.06 -0.47 -9.67
C TRP D 403 -1.28 0.38 -9.96
N TRP D 404 -1.78 1.15 -9.00
CA TRP D 404 -2.93 2.00 -9.25
C TRP D 404 -2.56 3.34 -9.90
N THR D 405 -1.28 3.62 -10.08
CA THR D 405 -0.83 4.84 -10.74
C THR D 405 -0.53 4.64 -12.21
N GLU D 406 -0.87 3.48 -12.77
CA GLU D 406 -0.56 3.19 -14.17
C GLU D 406 -1.56 3.86 -15.11
N TYR D 407 -2.84 3.54 -14.97
CA TYR D 407 -3.88 4.00 -15.88
C TYR D 407 -4.84 4.99 -15.23
N TRP D 408 -4.55 5.45 -14.02
CA TRP D 408 -5.40 6.45 -13.38
C TRP D 408 -5.32 7.77 -14.15
N GLN D 409 -6.48 8.29 -14.54
CA GLN D 409 -6.54 9.50 -15.35
C GLN D 409 -7.34 10.62 -14.69
N ALA D 410 -7.75 10.46 -13.43
CA ALA D 410 -8.47 11.50 -12.72
C ALA D 410 -7.48 12.48 -12.10
N THR D 411 -7.98 13.42 -11.31
CA THR D 411 -7.15 14.41 -10.65
C THR D 411 -7.22 14.38 -9.13
N TRP D 412 -8.23 13.75 -8.55
CA TRP D 412 -8.39 13.63 -7.11
C TRP D 412 -8.32 12.16 -6.70
N ILE D 413 -8.32 11.92 -5.40
CA ILE D 413 -8.14 10.60 -4.83
C ILE D 413 -9.37 10.28 -3.99
N PRO D 414 -10.05 9.16 -4.23
CA PRO D 414 -11.18 8.76 -3.40
C PRO D 414 -10.74 7.83 -2.26
N GLU D 415 -11.70 7.53 -1.39
CA GLU D 415 -11.47 6.62 -0.28
C GLU D 415 -11.78 5.18 -0.70
N TRP D 416 -11.11 4.23 -0.05
CA TRP D 416 -11.23 2.83 -0.40
C TRP D 416 -10.75 1.98 0.76
N GLU D 417 -10.78 0.67 0.57
CA GLU D 417 -10.22 -0.29 1.52
C GLU D 417 -9.94 -1.59 0.76
N PHE D 418 -9.67 -2.66 1.50
CA PHE D 418 -9.35 -3.96 0.89
C PHE D 418 -10.09 -5.04 1.66
N VAL D 419 -11.23 -5.47 1.13
CA VAL D 419 -12.03 -6.54 1.71
C VAL D 419 -12.34 -7.56 0.63
N ASN D 420 -12.29 -8.84 1.00
CA ASN D 420 -12.60 -9.91 0.06
C ASN D 420 -14.11 -10.03 -0.13
N THR D 421 -14.51 -10.94 -1.01
CA THR D 421 -15.92 -11.16 -1.30
C THR D 421 -16.32 -12.59 -0.98
N PRO D 422 -17.51 -12.81 -0.46
CA PRO D 422 -17.96 -14.18 -0.16
C PRO D 422 -18.26 -14.94 -1.45
N PRO D 423 -18.22 -16.28 -1.41
CA PRO D 423 -18.50 -17.10 -2.60
C PRO D 423 -19.98 -17.22 -2.93
N LEU D 424 -20.69 -16.09 -2.91
CA LEU D 424 -22.10 -16.05 -3.26
C LEU D 424 -22.34 -14.99 -4.33
N VAL D 425 -21.56 -13.90 -4.29
CA VAL D 425 -21.74 -12.82 -5.24
C VAL D 425 -21.37 -13.27 -6.64
N LYS D 426 -20.54 -14.30 -6.78
CA LYS D 426 -20.23 -14.85 -8.10
C LYS D 426 -21.46 -15.40 -8.79
N LEU D 427 -22.52 -15.72 -8.05
CA LEU D 427 -23.79 -16.15 -8.62
C LEU D 427 -24.82 -15.02 -8.71
N TRP D 428 -24.42 -13.78 -8.38
CA TRP D 428 -25.33 -12.65 -8.53
C TRP D 428 -25.69 -12.42 -9.99
N TYR D 429 -24.73 -12.61 -10.89
CA TYR D 429 -24.93 -12.49 -12.33
C TYR D 429 -24.59 -13.81 -13.00
N GLN D 430 -24.74 -13.85 -14.31
CA GLN D 430 -24.45 -15.04 -15.10
C GLN D 430 -22.97 -15.42 -15.00
#